data_5TZT
#
_entry.id   5TZT
#
_cell.length_a   74.569
_cell.length_b   60.974
_cell.length_c   124.133
_cell.angle_alpha   90.000
_cell.angle_beta   90.050
_cell.angle_gamma   90.000
#
_symmetry.space_group_name_H-M   'P 1 21 1'
#
loop_
_entity.id
_entity.type
_entity.pdbx_description
1 polymer 'Light Chain of Fab C47B161'
2 polymer 'Heavy Chain of Fab C47B161'
3 polymer 'Leukocyte surface antigen CD47'
4 non-polymer GLYCEROL
5 non-polymer 2-acetamido-2-deoxy-beta-D-glucopyranose
6 water water
#
loop_
_entity_poly.entity_id
_entity_poly.type
_entity_poly.pdbx_seq_one_letter_code
_entity_poly.pdbx_strand_id
1 'polypeptide(L)'
;DIVMTQSPLSLPVTPGEPASISCRSRQSIVHTNRYTYLAWYLQKPGQSPQLLIYKVSNRFSGVPDRFSGSGSGTDFTLKI
SRVEAEDVGVYYCFQGSHVPYTFGGGTKLEIKRTVAAPSVFIFPPSDEQLKSGTASVVCLLNNFYPREAKVQWKVDNALQ
SGNSQESVTEQDSKDSTYSLSSTLTLSKADYEKHKVYACEVTHQGLSSPVTKSFNRGEC
;
B,L
2 'polypeptide(L)'
;(PCA)VQLVQSGAEVKKPGASVKVSCKASGYTFTDYNMHWVRQAPGQRLEWMGDIYPYNGGTGYNQKFKGRVTITRDTSA
STAYMELSSLRSEDTAVYYCARGGWHAMDSWGQGTLVTVSSASTKGPSVFPLAPSSKSTSGGTAALGCLVKDYFPEPVTV
SWNSGALTSGVHTFPAVLQSSGLYSLSSVVTVPSSSLGTQTYICNVNHKPSNTKVDKKVEPKSCHHHHHH
;
A,H
3 'polypeptide(L)'
;(PCA)LLFNKTKSVEFTFGNDTVVIPCFVTNMEAQNTTEVYVKWKFKGRDIYTFDGALNKSTVPTDFSSAKIEVSQLLKG
DASLKMDKSDAVSHTGNYTCEVTELTREGETIIELKYRVVSWFSPNEHHHHHH
;
C,D
#
loop_
_chem_comp.id
_chem_comp.type
_chem_comp.name
_chem_comp.formula
GOL non-polymer GLYCEROL 'C3 H8 O3'
NAG D-saccharide, beta linking 2-acetamido-2-deoxy-beta-D-glucopyranose 'C8 H15 N O6'
#
# COMPACT_ATOMS: atom_id res chain seq x y z
N ASP A 1 -20.08 7.94 29.37
CA ASP A 1 -19.89 7.93 27.92
C ASP A 1 -18.78 8.89 27.53
N ILE A 2 -17.89 8.44 26.65
CA ILE A 2 -16.79 9.25 26.16
C ILE A 2 -17.21 9.89 24.86
N VAL A 3 -17.46 11.20 24.88
CA VAL A 3 -17.80 11.92 23.66
C VAL A 3 -16.63 11.84 22.68
N MET A 4 -16.95 11.75 21.40
CA MET A 4 -15.95 11.83 20.34
C MET A 4 -16.36 12.86 19.29
N THR A 5 -15.43 13.77 19.01
CA THR A 5 -15.65 14.90 18.11
C THR A 5 -14.90 14.69 16.80
N GLN A 6 -15.58 14.89 15.67
CA GLN A 6 -14.88 14.87 14.40
C GLN A 6 -15.02 16.21 13.68
N SER A 7 -14.03 16.49 12.83
CA SER A 7 -13.95 17.70 12.03
C SER A 7 -13.18 17.45 10.73
N PRO A 8 -13.71 17.95 9.59
CA PRO A 8 -14.98 18.65 9.43
C PRO A 8 -16.18 17.71 9.49
N LEU A 9 -17.38 18.26 9.31
CA LEU A 9 -18.58 17.47 9.07
C LEU A 9 -18.84 17.22 7.59
N SER A 10 -18.20 17.99 6.71
CA SER A 10 -18.26 17.75 5.27
C SER A 10 -16.94 18.22 4.65
N LEU A 11 -16.46 17.48 3.66
CA LEU A 11 -15.15 17.74 3.07
C LEU A 11 -15.25 17.64 1.55
N PRO A 12 -15.37 18.77 0.85
CA PRO A 12 -15.25 18.76 -0.62
C PRO A 12 -13.82 18.46 -1.05
N VAL A 13 -13.65 17.39 -1.83
CA VAL A 13 -12.34 17.06 -2.37
C VAL A 13 -12.49 16.54 -3.79
N THR A 14 -11.65 17.04 -4.70
CA THR A 14 -11.55 16.52 -6.06
C THR A 14 -10.71 15.25 -6.03
N PRO A 15 -11.09 14.21 -6.78
CA PRO A 15 -10.33 12.95 -6.71
C PRO A 15 -8.90 13.14 -7.20
N GLY A 16 -7.96 12.57 -6.47
CA GLY A 16 -6.55 12.80 -6.70
C GLY A 16 -5.90 13.69 -5.66
N GLU A 17 -6.68 14.25 -4.72
CA GLU A 17 -6.19 15.11 -3.66
C GLU A 17 -6.37 14.43 -2.31
N PRO A 18 -5.48 14.70 -1.34
CA PRO A 18 -5.63 14.09 -0.02
C PRO A 18 -6.85 14.64 0.70
N ALA A 19 -7.23 13.93 1.77
CA ALA A 19 -8.35 14.32 2.62
C ALA A 19 -8.11 13.73 3.99
N SER A 20 -8.10 14.59 5.01
CA SER A 20 -7.82 14.17 6.38
C SER A 20 -9.06 14.41 7.25
N ILE A 21 -9.37 13.42 8.08
CA ILE A 21 -10.47 13.50 9.03
C ILE A 21 -9.90 13.21 10.41
N SER A 22 -10.20 14.09 11.37
CA SER A 22 -9.74 13.96 12.73
C SER A 22 -10.90 13.62 13.64
N CYS A 23 -10.62 12.87 14.70
CA CYS A 23 -11.65 12.58 15.70
C CYS A 23 -10.99 12.56 17.07
N ARG A 24 -11.37 13.51 17.92
CA ARG A 24 -10.79 13.67 19.23
C ARG A 24 -11.76 13.20 20.31
N SER A 25 -11.22 12.80 21.44
CA SER A 25 -12.01 12.31 22.57
C SER A 25 -11.72 13.15 23.80
N ARG A 26 -12.76 13.43 24.58
CA ARG A 26 -12.60 14.15 25.84
C ARG A 26 -11.52 13.49 26.71
N GLN A 27 -11.72 12.23 27.05
CA GLN A 27 -10.77 11.44 27.83
CA GLN A 27 -10.76 11.45 27.82
C GLN A 27 -10.20 10.33 26.96
N SER A 28 -8.94 9.98 27.25
CA SER A 28 -8.21 8.96 26.48
C SER A 28 -9.00 7.66 26.38
N ILE A 29 -8.81 6.97 25.25
CA ILE A 29 -9.38 5.65 25.02
C ILE A 29 -8.34 4.55 25.15
N VAL A 30 -7.30 4.75 25.95
CA VAL A 30 -6.30 3.71 26.17
C VAL A 30 -6.82 2.75 27.24
N HIS A 31 -6.81 1.44 26.94
CA HIS A 31 -7.30 0.41 27.86
C HIS A 31 -6.19 -0.07 28.80
N THR A 32 -6.62 -0.74 29.89
CA THR A 32 -5.67 -1.37 30.81
C THR A 32 -4.61 -2.17 30.07
N ASN A 33 -4.99 -2.93 29.04
CA ASN A 33 -4.12 -3.75 28.20
C ASN A 33 -3.00 -2.97 27.51
N ARG A 34 -3.03 -1.64 27.55
CA ARG A 34 -2.13 -0.73 26.84
C ARG A 34 -2.40 -0.67 25.34
N TYR A 35 -3.52 -1.22 24.87
CA TYR A 35 -3.97 -1.01 23.51
C TYR A 35 -5.06 0.07 23.50
N THR A 36 -5.18 0.74 22.36
CA THR A 36 -6.22 1.74 22.14
C THR A 36 -6.97 1.34 20.87
N TYR A 37 -8.22 0.92 21.00
CA TYR A 37 -8.98 0.40 19.86
C TYR A 37 -9.87 1.53 19.34
N LEU A 38 -9.42 2.21 18.29
CA LEU A 38 -10.25 3.17 17.59
C LEU A 38 -10.44 2.63 16.18
N ALA A 39 -11.69 2.44 15.78
CA ALA A 39 -12.03 1.84 14.51
C ALA A 39 -12.70 2.87 13.63
N TRP A 40 -12.27 2.94 12.37
CA TRP A 40 -12.82 3.86 11.39
C TRP A 40 -13.79 3.10 10.49
N TYR A 41 -14.99 3.64 10.33
CA TYR A 41 -16.02 3.00 9.51
C TYR A 41 -16.50 3.98 8.47
N LEU A 42 -17.11 3.46 7.41
CA LEU A 42 -17.79 4.29 6.43
C LEU A 42 -19.09 3.62 6.01
N GLN A 43 -20.15 4.41 5.97
CA GLN A 43 -21.46 3.97 5.52
C GLN A 43 -21.60 4.46 4.08
N LYS A 44 -21.45 3.54 3.14
CA LYS A 44 -21.61 3.88 1.73
C LYS A 44 -23.05 4.27 1.45
N PRO A 45 -23.29 5.13 0.44
CA PRO A 45 -24.67 5.52 0.14
C PRO A 45 -25.56 4.34 -0.20
N GLY A 46 -26.55 4.10 0.65
CA GLY A 46 -27.48 2.99 0.47
C GLY A 46 -27.04 1.67 1.05
N GLN A 47 -25.83 1.57 1.61
CA GLN A 47 -25.29 0.32 2.10
C GLN A 47 -24.90 0.46 3.56
N SER A 48 -25.04 -0.64 4.31
CA SER A 48 -24.71 -0.68 5.72
C SER A 48 -23.21 -0.48 5.93
N PRO A 49 -22.79 -0.08 7.13
CA PRO A 49 -21.38 0.28 7.36
C PRO A 49 -20.40 -0.86 7.07
N GLN A 50 -19.15 -0.45 6.85
CA GLN A 50 -18.03 -1.36 6.63
C GLN A 50 -16.79 -0.82 7.32
N LEU A 51 -15.89 -1.72 7.69
CA LEU A 51 -14.69 -1.37 8.43
C LEU A 51 -13.50 -1.16 7.49
N LEU A 52 -12.71 -0.13 7.80
CA LEU A 52 -11.50 0.21 7.05
C LEU A 52 -10.27 0.11 7.94
N ILE A 53 -10.28 0.79 9.09
CA ILE A 53 -9.13 0.86 9.99
C ILE A 53 -9.57 0.39 11.37
N TYR A 54 -8.87 -0.60 11.92
CA TYR A 54 -9.07 -1.02 13.30
C TYR A 54 -7.77 -0.83 14.07
N LYS A 55 -7.88 -0.48 15.35
CA LYS A 55 -6.74 -0.25 16.23
C LYS A 55 -5.83 0.85 15.65
N VAL A 56 -6.41 2.05 15.60
CA VAL A 56 -5.70 3.26 15.20
C VAL A 56 -5.15 3.20 13.78
N SER A 57 -4.36 2.17 13.45
CA SER A 57 -3.67 2.19 12.17
C SER A 57 -3.56 0.85 11.45
N ASN A 58 -4.25 -0.19 11.90
CA ASN A 58 -4.23 -1.48 11.20
C ASN A 58 -5.43 -1.58 10.29
N ARG A 59 -5.18 -1.77 9.00
CA ARG A 59 -6.27 -1.83 8.03
C ARG A 59 -6.90 -3.22 7.98
N PHE A 60 -8.12 -3.25 7.46
CA PHE A 60 -8.93 -4.45 7.37
C PHE A 60 -8.54 -5.25 6.12
N SER A 61 -9.03 -6.48 6.05
CA SER A 61 -8.77 -7.35 4.91
C SER A 61 -9.48 -6.81 3.67
N GLY A 62 -8.70 -6.38 2.68
CA GLY A 62 -9.23 -5.93 1.41
C GLY A 62 -9.27 -4.42 1.23
N VAL A 63 -8.86 -3.65 2.23
CA VAL A 63 -8.86 -2.20 2.12
C VAL A 63 -7.59 -1.78 1.40
N PRO A 64 -7.65 -0.84 0.45
CA PRO A 64 -6.43 -0.41 -0.25
C PRO A 64 -5.39 0.13 0.72
N ASP A 65 -4.15 0.16 0.25
CA ASP A 65 -3.04 0.70 1.02
C ASP A 65 -3.21 2.19 1.32
N ARG A 66 -4.16 2.85 0.68
CA ARG A 66 -4.27 4.30 0.69
C ARG A 66 -5.05 4.85 1.88
N PHE A 67 -5.59 3.99 2.74
CA PHE A 67 -6.29 4.44 3.94
C PHE A 67 -5.38 4.19 5.15
N SER A 68 -4.90 5.27 5.76
CA SER A 68 -3.97 5.17 6.88
C SER A 68 -4.49 5.97 8.06
N GLY A 69 -4.38 5.40 9.25
CA GLY A 69 -4.84 6.03 10.47
C GLY A 69 -3.68 6.32 11.40
N SER A 70 -3.84 7.36 12.20
CA SER A 70 -2.81 7.77 13.16
C SER A 70 -3.46 8.44 14.35
N GLY A 71 -2.63 8.92 15.27
CA GLY A 71 -3.08 9.61 16.46
C GLY A 71 -2.76 8.90 17.76
N SER A 72 -2.80 9.60 18.89
CA SER A 72 -2.52 9.01 20.19
C SER A 72 -3.50 9.53 21.25
N GLY A 73 -3.93 8.63 22.14
CA GLY A 73 -4.80 8.95 23.26
C GLY A 73 -6.01 9.83 22.97
N THR A 74 -5.76 11.14 23.03
CA THR A 74 -6.73 12.21 22.79
C THR A 74 -6.98 12.47 21.30
N ASP A 75 -5.95 12.74 20.54
CA ASP A 75 -6.18 13.10 19.15
C ASP A 75 -5.94 11.91 18.25
N PHE A 76 -6.76 11.82 17.21
CA PHE A 76 -6.60 10.83 16.16
C PHE A 76 -6.97 11.50 14.85
N THR A 77 -6.49 10.91 13.76
CA THR A 77 -6.72 11.47 12.43
C THR A 77 -6.72 10.36 11.41
N LEU A 78 -7.74 10.33 10.57
CA LEU A 78 -7.82 9.41 9.45
C LEU A 78 -7.41 10.14 8.18
N LYS A 79 -6.40 9.61 7.49
CA LYS A 79 -5.89 10.20 6.27
C LYS A 79 -5.96 9.19 5.13
N ILE A 80 -6.08 9.73 3.92
CA ILE A 80 -6.08 8.93 2.70
C ILE A 80 -5.10 9.56 1.72
N SER A 81 -4.39 8.72 0.98
CA SER A 81 -3.45 9.25 -0.01
C SER A 81 -4.19 10.07 -1.05
N ARG A 82 -5.17 9.45 -1.72
CA ARG A 82 -6.06 10.15 -2.63
C ARG A 82 -7.43 9.53 -2.54
N VAL A 83 -8.42 10.33 -2.74
CA VAL A 83 -9.79 9.86 -2.80
C VAL A 83 -10.15 9.54 -4.24
N GLU A 84 -11.02 8.55 -4.39
CA GLU A 84 -11.51 8.07 -5.66
C GLU A 84 -13.03 8.12 -5.60
N ALA A 85 -13.67 8.04 -6.76
CA ALA A 85 -15.13 8.11 -6.79
C ALA A 85 -15.76 7.01 -5.92
N GLU A 86 -15.05 5.91 -5.69
CA GLU A 86 -15.55 4.82 -4.85
C GLU A 86 -15.55 5.14 -3.36
N ASP A 87 -14.94 6.25 -2.95
CA ASP A 87 -14.82 6.59 -1.53
C ASP A 87 -15.94 7.48 -1.00
N VAL A 88 -16.93 7.82 -1.83
CA VAL A 88 -18.03 8.67 -1.38
C VAL A 88 -18.70 8.05 -0.16
N GLY A 89 -19.13 8.90 0.76
CA GLY A 89 -19.91 8.50 1.92
C GLY A 89 -19.54 9.34 3.12
N VAL A 90 -19.93 8.85 4.30
CA VAL A 90 -19.65 9.51 5.56
C VAL A 90 -18.85 8.55 6.44
N TYR A 91 -17.86 9.09 7.16
CA TYR A 91 -16.92 8.29 7.94
C TYR A 91 -17.14 8.48 9.43
N TYR A 92 -16.98 7.39 10.18
CA TYR A 92 -17.17 7.38 11.63
C TYR A 92 -15.91 6.90 12.32
N CYS A 93 -15.52 7.59 13.39
CA CYS A 93 -14.58 7.02 14.35
C CYS A 93 -15.37 6.30 15.42
N PHE A 94 -14.78 5.22 15.95
CA PHE A 94 -15.44 4.40 16.94
C PHE A 94 -14.43 3.92 17.97
N GLN A 95 -14.73 4.12 19.24
CA GLN A 95 -13.84 3.75 20.33
C GLN A 95 -14.18 2.35 20.83
N GLY A 96 -13.14 1.57 21.14
CA GLY A 96 -13.34 0.23 21.64
C GLY A 96 -12.61 -0.05 22.95
N SER A 97 -12.63 0.90 23.88
CA SER A 97 -11.89 0.76 25.13
C SER A 97 -12.78 0.71 26.35
N HIS A 98 -13.73 1.63 26.48
CA HIS A 98 -14.57 1.73 27.65
C HIS A 98 -16.02 1.46 27.28
N VAL A 99 -16.68 0.62 28.06
CA VAL A 99 -18.10 0.42 27.92
C VAL A 99 -18.79 1.59 28.59
N PRO A 100 -19.82 2.13 27.94
CA PRO A 100 -20.29 1.85 26.57
C PRO A 100 -19.40 2.35 25.44
N TYR A 101 -19.36 1.60 24.34
CA TYR A 101 -18.68 2.06 23.14
C TYR A 101 -19.51 3.14 22.46
N THR A 102 -18.83 4.18 21.97
CA THR A 102 -19.48 5.32 21.37
C THR A 102 -18.95 5.54 19.96
N PHE A 103 -19.73 6.29 19.17
CA PHE A 103 -19.38 6.67 17.81
C PHE A 103 -19.15 8.17 17.71
N GLY A 104 -18.68 8.60 16.54
CA GLY A 104 -18.49 10.00 16.25
C GLY A 104 -19.67 10.57 15.48
N GLY A 105 -19.63 11.89 15.30
CA GLY A 105 -20.68 12.57 14.55
C GLY A 105 -20.78 12.08 13.11
N GLY A 106 -19.66 12.12 12.40
CA GLY A 106 -19.65 11.67 11.01
C GLY A 106 -19.17 12.73 10.04
N THR A 107 -18.04 12.48 9.39
CA THR A 107 -17.51 13.35 8.36
C THR A 107 -17.93 12.81 6.99
N LYS A 108 -18.71 13.60 6.26
CA LYS A 108 -19.26 13.18 4.98
C LYS A 108 -18.34 13.62 3.85
N LEU A 109 -17.99 12.69 2.97
CA LEU A 109 -17.08 12.94 1.86
C LEU A 109 -17.87 13.18 0.58
N GLU A 110 -17.51 14.24 -0.14
CA GLU A 110 -18.15 14.61 -1.40
C GLU A 110 -17.10 14.75 -2.49
N ILE A 111 -17.43 14.24 -3.67
CA ILE A 111 -16.51 14.21 -4.82
C ILE A 111 -16.81 15.41 -5.72
N LYS A 112 -15.75 16.11 -6.14
CA LYS A 112 -15.87 17.32 -6.96
C LYS A 112 -15.60 16.94 -8.42
N ARG A 113 -16.68 16.88 -9.20
CA ARG A 113 -16.64 16.51 -10.60
C ARG A 113 -16.70 17.77 -11.47
N THR A 114 -16.49 17.58 -12.78
CA THR A 114 -16.72 18.61 -13.78
C THR A 114 -18.22 18.80 -13.99
N VAL A 115 -18.58 19.80 -14.79
CA VAL A 115 -19.99 20.13 -14.97
C VAL A 115 -20.68 19.09 -15.83
N ALA A 116 -21.88 18.66 -15.41
CA ALA A 116 -22.64 17.64 -16.09
C ALA A 116 -24.04 18.15 -16.39
N ALA A 117 -24.47 18.01 -17.65
CA ALA A 117 -25.77 18.51 -18.08
C ALA A 117 -26.86 17.52 -17.70
N PRO A 118 -27.93 17.96 -17.04
CA PRO A 118 -29.07 17.07 -16.78
C PRO A 118 -29.70 16.55 -18.06
N SER A 119 -30.35 15.41 -17.95
CA SER A 119 -31.25 14.88 -18.98
C SER A 119 -32.65 14.91 -18.40
N VAL A 120 -33.54 15.68 -19.03
CA VAL A 120 -34.85 16.01 -18.47
C VAL A 120 -35.93 15.18 -19.13
N PHE A 121 -36.80 14.59 -18.31
CA PHE A 121 -37.93 13.78 -18.76
C PHE A 121 -39.18 14.15 -17.96
N ILE A 122 -40.33 13.85 -18.54
CA ILE A 122 -41.63 14.14 -17.95
C ILE A 122 -42.55 12.95 -18.20
N PHE A 123 -43.43 12.67 -17.24
CA PHE A 123 -44.31 11.50 -17.30
C PHE A 123 -45.76 11.91 -17.10
N PRO A 124 -46.63 11.74 -18.10
CA PRO A 124 -48.07 11.91 -17.90
C PRO A 124 -48.55 10.98 -16.80
N PRO A 125 -49.69 11.29 -16.19
CA PRO A 125 -50.23 10.38 -15.17
C PRO A 125 -50.77 9.09 -15.77
N SER A 126 -50.62 8.01 -15.02
CA SER A 126 -51.11 6.70 -15.46
C SER A 126 -52.63 6.70 -15.54
N ASP A 127 -53.15 5.92 -16.50
CA ASP A 127 -54.60 5.75 -16.62
C ASP A 127 -55.21 5.00 -15.45
N GLU A 128 -54.43 4.22 -14.71
CA GLU A 128 -54.97 3.51 -13.55
C GLU A 128 -55.12 4.39 -12.32
N GLN A 129 -54.48 5.56 -12.32
CA GLN A 129 -54.60 6.50 -11.21
C GLN A 129 -55.57 7.64 -11.51
N LEU A 130 -55.75 8.00 -12.78
CA LEU A 130 -56.84 8.90 -13.12
C LEU A 130 -58.19 8.23 -12.90
N LYS A 131 -58.22 6.89 -12.82
CA LYS A 131 -59.41 6.18 -12.38
C LYS A 131 -59.59 6.18 -10.87
N SER A 132 -58.56 6.60 -10.12
CA SER A 132 -58.64 6.68 -8.66
C SER A 132 -59.04 8.05 -8.16
N GLY A 133 -59.07 9.05 -9.03
CA GLY A 133 -59.40 10.41 -8.63
C GLY A 133 -58.22 11.31 -8.35
N THR A 134 -57.04 10.99 -8.88
CA THR A 134 -55.84 11.78 -8.66
C THR A 134 -55.03 11.79 -9.94
N ALA A 135 -54.21 12.84 -10.09
CA ALA A 135 -53.37 12.98 -11.27
C ALA A 135 -52.04 13.61 -10.84
N SER A 136 -50.99 12.78 -10.79
CA SER A 136 -49.65 13.23 -10.44
C SER A 136 -48.78 13.21 -11.70
N VAL A 137 -48.09 14.32 -11.94
CA VAL A 137 -47.19 14.45 -13.09
C VAL A 137 -45.76 14.53 -12.58
N VAL A 138 -44.88 13.73 -13.16
CA VAL A 138 -43.52 13.54 -12.66
C VAL A 138 -42.53 14.11 -13.66
N CYS A 139 -41.80 15.14 -13.25
CA CYS A 139 -40.64 15.61 -13.98
C CYS A 139 -39.38 15.14 -13.28
N LEU A 140 -38.44 14.63 -14.06
CA LEU A 140 -37.21 14.07 -13.52
C LEU A 140 -36.00 14.62 -14.26
N LEU A 141 -34.98 14.99 -13.49
CA LEU A 141 -33.68 15.39 -14.00
C LEU A 141 -32.71 14.29 -13.59
N ASN A 142 -31.85 13.88 -14.53
CA ASN A 142 -31.13 12.64 -14.31
C ASN A 142 -29.65 12.84 -14.57
N ASN A 143 -28.83 12.36 -13.63
CA ASN A 143 -27.39 12.48 -13.63
C ASN A 143 -26.90 13.86 -14.05
N PHE A 144 -27.08 14.85 -13.19
CA PHE A 144 -26.52 16.19 -13.36
C PHE A 144 -25.57 16.49 -12.19
N TYR A 145 -24.72 17.49 -12.40
CA TYR A 145 -23.81 17.96 -11.34
C TYR A 145 -23.38 19.41 -11.58
N PRO A 146 -23.36 20.24 -10.51
CA PRO A 146 -23.70 19.87 -9.12
C PRO A 146 -25.19 19.82 -8.83
N ARG A 147 -25.52 19.62 -7.56
CA ARG A 147 -26.90 19.33 -7.19
C ARG A 147 -27.82 20.55 -7.33
N GLU A 148 -27.27 21.75 -7.29
CA GLU A 148 -28.10 22.95 -7.35
C GLU A 148 -28.86 23.01 -8.67
N ALA A 149 -30.17 22.75 -8.63
CA ALA A 149 -31.01 22.75 -9.83
C ALA A 149 -32.38 23.31 -9.48
N LYS A 150 -32.91 24.14 -10.37
CA LYS A 150 -34.20 24.78 -10.19
C LYS A 150 -35.22 24.13 -11.13
N VAL A 151 -36.37 23.76 -10.58
CA VAL A 151 -37.44 23.10 -11.32
C VAL A 151 -38.71 23.90 -11.14
N GLN A 152 -39.22 24.49 -12.21
CA GLN A 152 -40.46 25.26 -12.18
C GLN A 152 -41.52 24.53 -13.01
N TRP A 153 -42.76 24.56 -12.53
CA TRP A 153 -43.88 23.93 -13.22
C TRP A 153 -44.80 24.97 -13.83
N LYS A 154 -45.27 24.70 -15.04
CA LYS A 154 -46.19 25.61 -15.72
C LYS A 154 -47.37 24.83 -16.27
N VAL A 155 -48.57 25.29 -15.94
CA VAL A 155 -49.82 24.71 -16.40
C VAL A 155 -50.58 25.80 -17.13
N ASP A 156 -50.67 25.68 -18.46
CA ASP A 156 -51.20 26.73 -19.32
C ASP A 156 -50.43 28.04 -19.13
N ASN A 157 -49.11 27.96 -19.24
CA ASN A 157 -48.20 29.10 -19.18
C ASN A 157 -48.27 29.83 -17.84
N ALA A 158 -49.08 29.32 -16.92
CA ALA A 158 -49.14 29.85 -15.56
C ALA A 158 -48.15 29.11 -14.69
N LEU A 159 -47.46 29.83 -13.80
CA LEU A 159 -46.53 29.21 -12.88
C LEU A 159 -47.24 28.81 -11.59
N GLN A 160 -46.80 27.71 -11.01
CA GLN A 160 -47.51 27.01 -9.95
C GLN A 160 -46.70 27.02 -8.66
N SER A 161 -47.40 27.03 -7.53
CA SER A 161 -46.77 26.88 -6.23
C SER A 161 -47.80 26.31 -5.25
N GLY A 162 -47.33 25.40 -4.40
CA GLY A 162 -48.17 24.76 -3.41
C GLY A 162 -48.57 23.34 -3.72
N ASN A 163 -48.24 22.84 -4.92
CA ASN A 163 -48.63 21.51 -5.36
C ASN A 163 -47.44 20.70 -5.88
N SER A 164 -46.22 21.05 -5.49
CA SER A 164 -45.00 20.42 -5.99
C SER A 164 -44.21 19.81 -4.84
N GLN A 165 -43.47 18.76 -5.15
CA GLN A 165 -42.52 18.15 -4.23
C GLN A 165 -41.30 17.67 -5.00
N GLU A 166 -40.12 17.75 -4.36
CA GLU A 166 -38.85 17.45 -4.99
C GLU A 166 -38.10 16.39 -4.20
N SER A 167 -37.23 15.65 -4.88
CA SER A 167 -36.54 14.51 -4.28
C SER A 167 -35.21 14.30 -5.00
N VAL A 168 -34.10 14.46 -4.29
CA VAL A 168 -32.76 14.30 -4.86
C VAL A 168 -32.09 13.09 -4.23
N THR A 169 -31.36 12.32 -5.05
CA THR A 169 -30.67 11.11 -4.59
C THR A 169 -29.40 11.46 -3.83
N GLU A 170 -28.64 10.43 -3.46
CA GLU A 170 -27.29 10.57 -2.98
C GLU A 170 -26.33 10.75 -4.15
N GLN A 171 -25.08 11.08 -3.85
CA GLN A 171 -24.07 11.12 -4.88
C GLN A 171 -23.62 9.70 -5.23
N ASP A 172 -23.37 9.48 -6.51
CA ASP A 172 -23.05 8.16 -7.02
C ASP A 172 -21.59 7.81 -6.74
N SER A 173 -21.36 6.57 -6.33
CA SER A 173 -20.02 6.07 -6.03
C SER A 173 -19.20 5.74 -7.27
N LYS A 174 -19.70 6.05 -8.47
CA LYS A 174 -18.92 5.78 -9.68
C LYS A 174 -18.75 7.00 -10.56
N ASP A 175 -19.82 7.75 -10.81
CA ASP A 175 -19.73 8.92 -11.67
C ASP A 175 -19.96 10.23 -10.90
N SER A 176 -20.10 10.16 -9.57
CA SER A 176 -20.08 11.35 -8.71
C SER A 176 -21.24 12.31 -9.00
N THR A 177 -22.39 11.77 -9.41
CA THR A 177 -23.48 12.58 -9.94
C THR A 177 -24.74 12.42 -9.11
N TYR A 178 -25.65 13.38 -9.26
CA TYR A 178 -26.97 13.35 -8.63
C TYR A 178 -28.06 13.36 -9.69
N SER A 179 -29.28 13.10 -9.22
CA SER A 179 -30.49 13.19 -10.04
C SER A 179 -31.62 13.57 -9.10
N LEU A 180 -32.68 14.15 -9.67
CA LEU A 180 -33.82 14.61 -8.89
C LEU A 180 -35.09 14.45 -9.72
N SER A 181 -36.19 14.09 -9.06
CA SER A 181 -37.49 13.91 -9.68
C SER A 181 -38.50 14.74 -8.90
N SER A 182 -39.22 15.61 -9.61
CA SER A 182 -40.20 16.51 -9.01
C SER A 182 -41.61 15.98 -9.23
N THR A 183 -42.36 15.83 -8.14
CA THR A 183 -43.71 15.28 -8.17
C THR A 183 -44.72 16.42 -8.05
N LEU A 184 -45.52 16.63 -9.10
CA LEU A 184 -46.62 17.59 -9.03
C LEU A 184 -47.94 16.85 -9.03
N THR A 185 -48.76 17.11 -8.01
CA THR A 185 -49.96 16.34 -7.72
C THR A 185 -51.21 17.19 -7.95
N LEU A 186 -52.16 16.64 -8.71
CA LEU A 186 -53.44 17.30 -8.93
C LEU A 186 -54.59 16.39 -8.54
N SER A 187 -55.76 17.01 -8.35
CA SER A 187 -56.99 16.25 -8.32
C SER A 187 -57.40 15.93 -9.76
N LYS A 188 -58.24 14.91 -9.91
CA LYS A 188 -58.67 14.53 -11.25
C LYS A 188 -59.51 15.62 -11.89
N ALA A 189 -60.35 16.30 -11.10
CA ALA A 189 -61.20 17.36 -11.63
C ALA A 189 -60.37 18.55 -12.11
N ASP A 190 -59.48 19.05 -11.27
CA ASP A 190 -58.65 20.20 -11.65
C ASP A 190 -57.67 19.85 -12.75
N TYR A 191 -57.43 18.56 -13.00
CA TYR A 191 -56.51 18.18 -14.07
C TYR A 191 -57.17 18.25 -15.44
N GLU A 192 -58.46 17.91 -15.52
CA GLU A 192 -59.19 17.94 -16.77
C GLU A 192 -59.66 19.33 -17.17
N LYS A 193 -59.02 20.37 -16.63
CA LYS A 193 -59.39 21.75 -16.93
C LYS A 193 -58.34 22.49 -17.76
N HIS A 194 -57.14 21.94 -17.89
CA HIS A 194 -56.06 22.60 -18.62
C HIS A 194 -55.59 21.70 -19.77
N LYS A 195 -54.66 22.22 -20.56
CA LYS A 195 -54.17 21.52 -21.75
C LYS A 195 -52.68 21.22 -21.67
N VAL A 196 -51.82 22.23 -21.71
CA VAL A 196 -50.38 22.02 -21.76
C VAL A 196 -49.82 22.00 -20.34
N TYR A 197 -49.00 21.00 -20.05
CA TYR A 197 -48.31 20.87 -18.77
C TYR A 197 -46.82 20.84 -19.03
N ALA A 198 -46.10 21.87 -18.58
CA ALA A 198 -44.70 22.04 -18.89
C ALA A 198 -43.84 21.91 -17.63
N CYS A 199 -42.57 21.59 -17.85
CA CYS A 199 -41.59 21.44 -16.77
C CYS A 199 -40.35 22.27 -17.16
N GLU A 200 -40.22 23.44 -16.54
CA GLU A 200 -39.10 24.34 -16.80
C GLU A 200 -37.95 24.01 -15.86
N VAL A 201 -36.75 23.87 -16.42
CA VAL A 201 -35.56 23.49 -15.67
C VAL A 201 -34.42 24.46 -15.99
N THR A 202 -33.73 24.95 -14.96
CA THR A 202 -32.57 25.81 -15.12
C THR A 202 -31.43 25.30 -14.26
N HIS A 203 -30.23 25.19 -14.85
CA HIS A 203 -29.05 24.74 -14.12
C HIS A 203 -27.82 25.24 -14.87
N GLN A 204 -26.73 25.43 -14.11
CA GLN A 204 -25.49 25.98 -14.66
C GLN A 204 -25.01 25.22 -15.88
N GLY A 205 -25.25 23.92 -15.94
CA GLY A 205 -24.80 23.15 -17.07
C GLY A 205 -25.61 23.36 -18.33
N LEU A 206 -26.74 24.05 -18.25
CA LEU A 206 -27.58 24.27 -19.42
C LEU A 206 -27.25 25.61 -20.06
N SER A 207 -27.09 25.60 -21.39
CA SER A 207 -26.94 26.82 -22.16
C SER A 207 -28.08 27.81 -21.92
N SER A 208 -29.28 27.29 -21.69
CA SER A 208 -30.48 28.10 -21.59
C SER A 208 -31.61 27.25 -21.00
N PRO A 209 -32.73 27.86 -20.57
CA PRO A 209 -33.80 27.06 -19.95
C PRO A 209 -34.20 25.88 -20.81
N VAL A 210 -34.43 24.73 -20.18
CA VAL A 210 -34.96 23.56 -20.86
C VAL A 210 -36.41 23.39 -20.41
N THR A 211 -37.31 23.27 -21.38
CA THR A 211 -38.73 23.14 -21.11
C THR A 211 -39.21 21.83 -21.70
N LYS A 212 -39.69 20.93 -20.86
CA LYS A 212 -40.31 19.69 -21.29
C LYS A 212 -41.81 19.81 -21.09
N SER A 213 -42.57 19.33 -22.08
CA SER A 213 -44.01 19.56 -22.07
C SER A 213 -44.72 18.39 -22.74
N PHE A 214 -46.01 18.28 -22.41
CA PHE A 214 -46.92 17.36 -23.06
C PHE A 214 -48.31 17.95 -22.95
N ASN A 215 -49.18 17.56 -23.88
CA ASN A 215 -50.57 17.98 -23.84
C ASN A 215 -51.45 16.81 -23.45
N ARG A 216 -52.53 17.12 -22.73
CA ARG A 216 -53.38 16.08 -22.16
C ARG A 216 -54.04 15.26 -23.27
N GLY A 217 -53.97 13.94 -23.15
CA GLY A 217 -54.62 13.07 -24.11
C GLY A 217 -53.89 12.91 -25.42
N GLU A 218 -52.59 13.20 -25.46
CA GLU A 218 -51.81 13.11 -26.69
C GLU A 218 -50.83 11.95 -26.64
N PCA B 1 -19.39 -17.27 1.63
CA PCA B 1 -19.65 -15.83 1.70
CB PCA B 1 -20.71 -15.43 0.67
CG PCA B 1 -21.40 -16.71 0.26
CD PCA B 1 -20.47 -17.77 0.77
OE PCA B 1 -20.61 -18.95 0.47
C PCA B 1 -20.17 -15.42 3.05
O PCA B 1 -21.24 -15.86 3.47
N VAL B 2 -19.42 -14.56 3.75
CA VAL B 2 -19.86 -14.04 5.03
C VAL B 2 -21.07 -13.14 4.82
N GLN B 3 -22.22 -13.54 5.37
CA GLN B 3 -23.47 -12.83 5.15
C GLN B 3 -24.33 -12.95 6.40
N LEU B 4 -24.95 -11.83 6.77
CA LEU B 4 -25.79 -11.74 7.96
C LEU B 4 -27.18 -11.26 7.53
N VAL B 5 -28.20 -12.09 7.73
CA VAL B 5 -29.56 -11.76 7.34
C VAL B 5 -30.43 -11.61 8.58
N GLN B 6 -31.07 -10.44 8.71
CA GLN B 6 -31.98 -10.14 9.80
C GLN B 6 -33.43 -10.15 9.29
N SER B 7 -34.35 -9.89 10.19
CA SER B 7 -35.77 -9.86 9.86
C SER B 7 -36.11 -8.59 9.10
N GLY B 8 -37.37 -8.47 8.69
CA GLY B 8 -37.84 -7.29 7.99
C GLY B 8 -38.22 -6.15 8.92
N ALA B 9 -38.55 -5.03 8.31
CA ALA B 9 -38.94 -3.85 9.07
C ALA B 9 -40.26 -4.08 9.80
N GLU B 10 -40.45 -3.32 10.88
CA GLU B 10 -41.60 -3.52 11.76
C GLU B 10 -42.27 -2.20 12.10
N VAL B 11 -43.48 -2.32 12.66
CA VAL B 11 -44.27 -1.21 13.15
C VAL B 11 -44.81 -1.59 14.52
N LYS B 12 -44.72 -0.67 15.47
CA LYS B 12 -45.23 -0.91 16.80
C LYS B 12 -45.81 0.37 17.36
N LYS B 13 -46.70 0.21 18.28
CA LYS B 13 -47.22 1.35 19.00
C LYS B 13 -46.35 1.59 20.24
N PRO B 14 -46.27 2.83 20.72
CA PRO B 14 -45.45 3.09 21.90
C PRO B 14 -45.99 2.33 23.11
N GLY B 15 -45.08 1.77 23.89
CA GLY B 15 -45.43 0.88 24.97
C GLY B 15 -45.35 -0.59 24.63
N ALA B 16 -45.22 -0.94 23.36
CA ALA B 16 -45.10 -2.32 22.92
C ALA B 16 -43.62 -2.73 22.93
N SER B 17 -43.32 -3.87 22.30
CA SER B 17 -41.95 -4.35 22.21
C SER B 17 -41.71 -4.93 20.82
N VAL B 18 -40.44 -4.98 20.43
CA VAL B 18 -40.04 -5.51 19.14
C VAL B 18 -38.83 -6.42 19.34
N LYS B 19 -38.80 -7.53 18.62
CA LYS B 19 -37.68 -8.47 18.64
C LYS B 19 -37.15 -8.64 17.22
N VAL B 20 -35.90 -8.23 17.00
CA VAL B 20 -35.28 -8.26 15.68
C VAL B 20 -34.30 -9.43 15.61
N SER B 21 -34.46 -10.27 14.58
CA SER B 21 -33.62 -11.43 14.33
C SER B 21 -32.28 -11.00 13.70
N CYS B 22 -31.33 -11.94 13.67
CA CYS B 22 -30.11 -11.78 12.87
C CYS B 22 -29.52 -13.17 12.63
N LYS B 23 -29.88 -13.77 11.50
CA LYS B 23 -29.31 -15.06 11.12
C LYS B 23 -27.95 -14.86 10.45
N ALA B 24 -27.01 -15.72 10.79
CA ALA B 24 -25.63 -15.61 10.31
C ALA B 24 -25.28 -16.82 9.46
N SER B 25 -24.55 -16.58 8.37
CA SER B 25 -24.13 -17.66 7.47
C SER B 25 -22.79 -17.29 6.87
N GLY B 26 -22.08 -18.31 6.38
CA GLY B 26 -20.78 -18.14 5.79
C GLY B 26 -19.62 -18.28 6.75
N TYR B 27 -19.88 -18.51 8.04
CA TYR B 27 -18.84 -18.65 9.05
C TYR B 27 -19.42 -19.43 10.22
N THR B 28 -18.54 -19.75 11.18
CA THR B 28 -18.93 -20.47 12.38
C THR B 28 -19.43 -19.48 13.42
N PHE B 29 -20.70 -19.63 13.82
CA PHE B 29 -21.39 -18.61 14.61
C PHE B 29 -20.66 -18.26 15.90
N THR B 30 -20.19 -19.26 16.65
CA THR B 30 -19.62 -19.00 17.96
C THR B 30 -18.14 -18.63 17.90
N ASP B 31 -17.57 -18.49 16.71
CA ASP B 31 -16.17 -18.09 16.60
C ASP B 31 -15.98 -16.59 16.73
N TYR B 32 -17.02 -15.79 16.46
CA TYR B 32 -16.93 -14.35 16.53
C TYR B 32 -17.87 -13.81 17.59
N ASN B 33 -17.63 -12.55 17.96
CA ASN B 33 -18.52 -11.81 18.83
C ASN B 33 -19.47 -10.98 17.98
N MET B 34 -20.65 -10.71 18.52
CA MET B 34 -21.69 -10.02 17.77
C MET B 34 -22.19 -8.82 18.55
N HIS B 35 -22.31 -7.70 17.86
CA HIS B 35 -22.70 -6.43 18.46
C HIS B 35 -24.05 -6.00 17.87
N TRP B 36 -24.63 -4.98 18.48
CA TRP B 36 -25.87 -4.38 18.00
C TRP B 36 -25.69 -2.88 17.95
N VAL B 37 -25.89 -2.30 16.76
CA VAL B 37 -25.71 -0.87 16.53
C VAL B 37 -26.98 -0.33 15.90
N ARG B 38 -27.37 0.87 16.31
CA ARG B 38 -28.57 1.53 15.82
C ARG B 38 -28.24 2.95 15.37
N GLN B 39 -28.93 3.45 14.34
CA GLN B 39 -28.78 4.84 13.91
C GLN B 39 -30.13 5.53 13.98
N ALA B 40 -30.26 6.41 14.95
CA ALA B 40 -31.49 7.11 15.25
C ALA B 40 -31.27 8.59 14.95
N PRO B 41 -32.16 9.22 14.19
CA PRO B 41 -32.12 10.66 13.91
C PRO B 41 -32.66 11.46 15.07
N GLY B 42 -32.00 12.56 15.40
CA GLY B 42 -30.78 12.97 14.73
C GLY B 42 -29.59 12.87 15.65
N GLN B 43 -29.26 11.65 16.06
CA GLN B 43 -28.19 11.37 16.99
C GLN B 43 -27.16 10.46 16.33
N ARG B 44 -26.06 10.24 17.04
CA ARG B 44 -25.01 9.36 16.58
C ARG B 44 -25.47 7.90 16.62
N LEU B 45 -24.65 7.04 16.01
CA LEU B 45 -24.87 5.61 16.13
C LEU B 45 -24.52 5.19 17.55
N GLU B 46 -25.27 4.25 18.10
CA GLU B 46 -25.18 3.95 19.52
C GLU B 46 -25.03 2.45 19.72
N TRP B 47 -23.85 2.04 20.18
CA TRP B 47 -23.62 0.65 20.56
C TRP B 47 -24.50 0.30 21.75
N MET B 48 -25.39 -0.67 21.55
CA MET B 48 -26.38 -1.04 22.56
C MET B 48 -25.98 -2.26 23.37
N GLY B 49 -25.13 -3.13 22.84
CA GLY B 49 -24.69 -4.28 23.60
C GLY B 49 -23.98 -5.28 22.71
N ASP B 50 -23.67 -6.43 23.30
CA ASP B 50 -22.98 -7.51 22.62
C ASP B 50 -23.39 -8.84 23.24
N ILE B 51 -23.10 -9.92 22.53
CA ILE B 51 -23.32 -11.26 23.05
C ILE B 51 -22.30 -12.20 22.42
N TYR B 52 -21.69 -13.05 23.26
CA TYR B 52 -20.72 -14.02 22.79
C TYR B 52 -21.42 -15.36 22.67
N PRO B 53 -21.66 -15.85 21.46
CA PRO B 53 -22.55 -17.03 21.30
C PRO B 53 -22.02 -18.32 21.89
N TYR B 54 -20.73 -18.40 22.24
CA TYR B 54 -20.21 -19.64 22.82
C TYR B 54 -20.67 -19.79 24.27
N ASN B 55 -20.36 -18.81 25.11
CA ASN B 55 -20.70 -18.89 26.52
C ASN B 55 -22.07 -18.31 26.84
N GLY B 56 -22.57 -17.39 26.01
CA GLY B 56 -23.81 -16.71 26.28
C GLY B 56 -23.66 -15.45 27.10
N GLY B 57 -22.43 -15.05 27.42
CA GLY B 57 -22.23 -13.84 28.19
C GLY B 57 -22.65 -12.61 27.40
N THR B 58 -23.06 -11.58 28.13
CA THR B 58 -23.59 -10.37 27.52
C THR B 58 -22.99 -9.16 28.20
N GLY B 59 -23.07 -8.03 27.50
CA GLY B 59 -22.70 -6.74 28.04
C GLY B 59 -23.51 -5.67 27.34
N TYR B 60 -24.20 -4.82 28.10
CA TYR B 60 -25.17 -3.90 27.53
C TYR B 60 -24.76 -2.46 27.76
N ASN B 61 -25.41 -1.59 27.00
CA ASN B 61 -25.34 -0.15 27.21
C ASN B 61 -26.41 0.23 28.22
N GLN B 62 -25.99 0.78 29.37
CA GLN B 62 -26.94 1.07 30.44
C GLN B 62 -27.78 2.30 30.14
N LYS B 63 -27.57 2.91 28.98
CA LYS B 63 -28.53 3.82 28.39
C LYS B 63 -29.89 3.14 28.21
N PHE B 64 -29.87 1.84 27.95
CA PHE B 64 -31.08 1.03 27.78
C PHE B 64 -31.31 0.13 28.99
N LYS B 65 -30.95 0.60 30.18
CA LYS B 65 -30.98 -0.23 31.37
C LYS B 65 -32.40 -0.68 31.70
N GLY B 66 -32.61 -2.00 31.75
CA GLY B 66 -33.88 -2.56 32.14
C GLY B 66 -34.87 -2.81 31.03
N ARG B 67 -34.48 -2.59 29.77
CA ARG B 67 -35.43 -2.77 28.67
C ARG B 67 -34.86 -3.47 27.45
N VAL B 68 -33.55 -3.71 27.39
CA VAL B 68 -32.97 -4.50 26.31
C VAL B 68 -32.56 -5.87 26.84
N THR B 69 -32.75 -6.89 26.01
CA THR B 69 -32.31 -8.24 26.30
C THR B 69 -31.78 -8.86 25.02
N ILE B 70 -30.48 -9.14 24.99
CA ILE B 70 -29.86 -9.78 23.85
C ILE B 70 -29.77 -11.27 24.16
N THR B 71 -30.35 -12.08 23.28
CA THR B 71 -30.46 -13.53 23.46
C THR B 71 -29.68 -14.24 22.37
N ARG B 72 -29.60 -15.55 22.47
CA ARG B 72 -28.76 -16.33 21.60
C ARG B 72 -29.42 -17.67 21.28
N ASP B 73 -29.16 -18.15 20.06
CA ASP B 73 -29.58 -19.47 19.64
C ASP B 73 -28.51 -20.00 18.69
N THR B 74 -27.75 -21.00 19.13
CA THR B 74 -26.74 -21.62 18.28
C THR B 74 -27.30 -22.75 17.43
N SER B 75 -28.40 -23.37 17.88
CA SER B 75 -29.09 -24.36 17.06
C SER B 75 -29.43 -23.81 15.68
N ALA B 76 -29.74 -22.53 15.59
CA ALA B 76 -30.03 -21.90 14.31
C ALA B 76 -29.01 -20.84 13.93
N SER B 77 -27.95 -20.65 14.72
CA SER B 77 -26.93 -19.65 14.40
C SER B 77 -27.55 -18.27 14.28
N THR B 78 -28.50 -17.96 15.17
CA THR B 78 -29.25 -16.72 15.08
C THR B 78 -29.16 -16.01 16.42
N ALA B 79 -28.78 -14.74 16.40
CA ALA B 79 -28.80 -13.91 17.59
C ALA B 79 -30.04 -13.02 17.57
N TYR B 80 -30.51 -12.64 18.75
CA TYR B 80 -31.73 -11.87 18.83
C TYR B 80 -31.54 -10.64 19.70
N MET B 81 -32.38 -9.64 19.45
CA MET B 81 -32.39 -8.42 20.24
C MET B 81 -33.82 -7.90 20.39
N GLU B 82 -34.27 -7.84 21.65
CA GLU B 82 -35.55 -7.36 22.20
C GLU B 82 -35.42 -5.99 22.82
N LEU B 83 -36.28 -5.06 22.43
CA LEU B 83 -36.29 -3.74 23.02
C LEU B 83 -37.73 -3.46 23.44
N SER B 84 -37.95 -3.24 24.75
CA SER B 84 -39.28 -3.13 25.34
C SER B 84 -39.66 -1.68 25.63
N SER B 85 -40.98 -1.50 25.87
CA SER B 85 -41.60 -0.20 26.14
C SER B 85 -41.11 0.89 25.20
N LEU B 86 -41.55 0.84 23.94
CA LEU B 86 -41.02 1.71 22.90
C LEU B 86 -41.65 3.10 22.96
N ARG B 87 -40.94 4.06 22.36
CA ARG B 87 -41.37 5.44 22.24
C ARG B 87 -40.84 5.98 20.92
N SER B 88 -41.19 7.24 20.61
CA SER B 88 -40.72 7.87 19.38
C SER B 88 -39.21 8.09 19.37
N GLU B 89 -38.51 7.82 20.47
CA GLU B 89 -37.06 7.97 20.48
C GLU B 89 -36.34 6.80 19.82
N ASP B 90 -36.94 5.62 19.81
CA ASP B 90 -36.23 4.42 19.36
C ASP B 90 -36.40 4.10 17.88
N THR B 91 -37.26 4.81 17.15
CA THR B 91 -37.45 4.49 15.74
C THR B 91 -36.19 4.79 14.95
N ALA B 92 -35.59 3.75 14.36
CA ALA B 92 -34.25 3.82 13.82
C ALA B 92 -33.96 2.52 13.09
N VAL B 93 -32.82 2.49 12.40
CA VAL B 93 -32.33 1.29 11.73
C VAL B 93 -31.36 0.58 12.67
N TYR B 94 -31.72 -0.62 13.10
CA TYR B 94 -30.90 -1.41 14.01
C TYR B 94 -29.98 -2.32 13.21
N TYR B 95 -28.69 -2.23 13.49
CA TYR B 95 -27.70 -3.01 12.77
C TYR B 95 -27.22 -4.13 13.68
N CYS B 96 -27.35 -5.36 13.19
CA CYS B 96 -26.66 -6.50 13.78
C CYS B 96 -25.23 -6.52 13.24
N ALA B 97 -24.25 -6.63 14.14
CA ALA B 97 -22.86 -6.41 13.77
C ALA B 97 -21.98 -7.50 14.37
N ARG B 98 -21.32 -8.25 13.50
CA ARG B 98 -20.35 -9.27 13.87
C ARG B 98 -18.96 -8.66 14.04
N GLY B 99 -18.20 -9.17 15.01
CA GLY B 99 -16.81 -8.76 15.17
C GLY B 99 -16.08 -9.37 16.35
N GLY B 100 -15.07 -8.67 16.86
CA GLY B 100 -14.27 -9.09 17.99
C GLY B 100 -14.74 -8.49 19.29
N TRP B 101 -13.81 -8.34 20.24
CA TRP B 101 -14.18 -7.78 21.54
C TRP B 101 -14.47 -6.29 21.44
N HIS B 102 -13.77 -5.57 20.55
CA HIS B 102 -13.88 -4.11 20.53
C HIS B 102 -14.01 -3.55 19.11
N ALA B 103 -14.49 -4.35 18.15
CA ALA B 103 -14.71 -3.84 16.81
C ALA B 103 -15.65 -4.79 16.07
N MET B 104 -16.40 -4.22 15.14
CA MET B 104 -17.27 -5.00 14.26
C MET B 104 -16.71 -4.97 12.85
N ASP B 105 -16.69 -6.13 12.20
CA ASP B 105 -16.07 -6.27 10.89
C ASP B 105 -17.02 -6.62 9.77
N SER B 106 -18.28 -6.96 10.08
CA SER B 106 -19.29 -7.21 9.07
C SER B 106 -20.66 -6.96 9.67
N TRP B 107 -21.55 -6.33 8.90
CA TRP B 107 -22.83 -5.88 9.40
C TRP B 107 -23.96 -6.40 8.50
N GLY B 108 -25.19 -6.32 9.03
CA GLY B 108 -26.37 -6.80 8.33
C GLY B 108 -27.07 -5.71 7.52
N GLN B 109 -28.20 -6.10 6.91
CA GLN B 109 -29.07 -5.17 6.20
C GLN B 109 -29.35 -3.93 7.04
N GLY B 110 -29.92 -4.13 8.21
CA GLY B 110 -30.44 -3.06 9.02
C GLY B 110 -31.93 -3.21 9.17
N THR B 111 -32.47 -2.97 10.36
CA THR B 111 -33.88 -3.15 10.63
C THR B 111 -34.46 -1.82 11.08
N LEU B 112 -35.38 -1.28 10.29
CA LEU B 112 -36.02 0.00 10.59
C LEU B 112 -37.36 -0.32 11.25
N VAL B 113 -37.47 -0.03 12.54
CA VAL B 113 -38.74 -0.17 13.25
C VAL B 113 -39.28 1.23 13.52
N THR B 114 -40.54 1.44 13.18
CA THR B 114 -41.20 2.72 13.38
C THR B 114 -42.20 2.58 14.50
N VAL B 115 -42.02 3.36 15.56
CA VAL B 115 -42.94 3.39 16.69
C VAL B 115 -43.92 4.53 16.44
N SER B 116 -45.18 4.18 16.22
CA SER B 116 -46.21 5.18 15.96
C SER B 116 -47.58 4.57 16.25
N SER B 117 -48.55 5.44 16.51
CA SER B 117 -49.93 5.02 16.75
C SER B 117 -50.81 5.20 15.52
N ALA B 118 -50.25 5.59 14.38
CA ALA B 118 -51.01 5.68 13.15
C ALA B 118 -51.16 4.29 12.52
N SER B 119 -52.16 4.16 11.67
CA SER B 119 -52.44 2.88 11.03
C SER B 119 -51.53 2.66 9.84
N THR B 120 -51.12 1.41 9.64
CA THR B 120 -50.29 1.06 8.50
C THR B 120 -51.14 0.95 7.24
N LYS B 121 -50.65 1.52 6.14
CA LYS B 121 -51.39 1.56 4.89
C LYS B 121 -50.53 1.02 3.75
N GLY B 122 -51.13 0.19 2.91
CA GLY B 122 -50.45 -0.41 1.79
C GLY B 122 -50.23 0.55 0.64
N PRO B 123 -49.04 0.51 0.06
CA PRO B 123 -48.75 1.36 -1.11
C PRO B 123 -49.71 1.13 -2.26
N SER B 124 -49.87 2.16 -3.08
CA SER B 124 -50.44 2.03 -4.41
C SER B 124 -49.39 2.45 -5.43
N VAL B 125 -49.26 1.67 -6.50
CA VAL B 125 -48.19 1.81 -7.46
C VAL B 125 -48.78 2.11 -8.83
N PHE B 126 -48.12 3.01 -9.58
CA PHE B 126 -48.60 3.41 -10.89
C PHE B 126 -47.44 3.49 -11.89
N PRO B 127 -47.63 2.94 -13.08
CA PRO B 127 -46.62 3.07 -14.14
C PRO B 127 -46.26 4.51 -14.44
N LEU B 128 -44.97 4.73 -14.67
CA LEU B 128 -44.46 5.94 -15.30
C LEU B 128 -44.01 5.53 -16.71
N ALA B 129 -44.94 5.55 -17.65
CA ALA B 129 -44.70 4.99 -18.97
C ALA B 129 -43.73 5.85 -19.77
N PRO B 130 -42.82 5.24 -20.52
CA PRO B 130 -41.97 6.02 -21.42
C PRO B 130 -42.75 6.46 -22.65
N SER B 131 -42.35 7.60 -23.20
CA SER B 131 -43.15 8.31 -24.20
C SER B 131 -42.21 9.03 -25.15
N SER B 132 -42.80 9.60 -26.20
CA SER B 132 -42.11 10.62 -27.00
C SER B 132 -41.49 11.70 -26.13
N LYS B 133 -42.11 12.04 -25.00
CA LYS B 133 -41.62 13.11 -24.15
C LYS B 133 -40.53 12.67 -23.18
N SER B 134 -40.25 11.37 -23.08
CA SER B 134 -39.26 10.86 -22.12
C SER B 134 -38.10 10.14 -22.80
N THR B 135 -37.78 10.54 -24.03
CA THR B 135 -36.66 9.96 -24.77
C THR B 135 -35.65 11.05 -25.12
N SER B 136 -34.37 10.73 -24.98
CA SER B 136 -33.30 11.69 -25.25
C SER B 136 -32.14 10.97 -25.93
N GLY B 137 -32.05 11.09 -27.25
CA GLY B 137 -30.94 10.57 -28.01
C GLY B 137 -30.76 9.07 -27.93
N GLY B 138 -31.80 8.32 -28.28
CA GLY B 138 -31.76 6.87 -28.22
C GLY B 138 -31.95 6.28 -26.84
N THR B 139 -31.79 7.07 -25.78
CA THR B 139 -31.98 6.59 -24.42
C THR B 139 -33.39 6.93 -23.95
N ALA B 140 -34.02 6.00 -23.25
CA ALA B 140 -35.38 6.15 -22.77
C ALA B 140 -35.45 5.97 -21.26
N ALA B 141 -36.41 6.65 -20.63
CA ALA B 141 -36.60 6.56 -19.18
C ALA B 141 -38.01 6.06 -18.85
N LEU B 142 -38.06 5.22 -17.83
CA LEU B 142 -39.31 4.64 -17.37
C LEU B 142 -39.14 4.33 -15.90
N GLY B 143 -40.26 4.04 -15.26
CA GLY B 143 -40.22 3.67 -13.86
C GLY B 143 -41.61 3.51 -13.31
N CYS B 144 -41.66 3.30 -12.00
CA CYS B 144 -42.88 3.23 -11.24
C CYS B 144 -42.83 4.30 -10.15
N LEU B 145 -44.00 4.64 -9.61
CA LEU B 145 -44.11 5.57 -8.50
C LEU B 145 -44.96 4.93 -7.41
N VAL B 146 -44.41 4.88 -6.20
CA VAL B 146 -45.06 4.26 -5.05
C VAL B 146 -45.60 5.37 -4.17
N LYS B 147 -46.90 5.38 -3.97
CA LYS B 147 -47.58 6.52 -3.35
C LYS B 147 -48.49 6.07 -2.22
N ASP B 148 -48.61 6.96 -1.22
CA ASP B 148 -49.51 6.78 -0.07
C ASP B 148 -49.22 5.46 0.64
N TYR B 149 -48.10 5.45 1.35
CA TYR B 149 -47.74 4.34 2.20
C TYR B 149 -47.15 4.90 3.49
N PHE B 150 -47.42 4.19 4.58
CA PHE B 150 -46.85 4.50 5.88
C PHE B 150 -46.86 3.25 6.73
N PRO B 151 -45.77 3.04 7.50
CA PRO B 151 -44.51 3.84 7.51
C PRO B 151 -43.50 3.54 6.41
N GLU B 152 -42.29 3.99 6.66
CA GLU B 152 -41.12 3.53 5.92
C GLU B 152 -40.65 2.17 6.46
N PRO B 153 -39.89 1.42 5.65
CA PRO B 153 -39.40 1.67 4.29
C PRO B 153 -40.23 0.98 3.20
N VAL B 154 -40.02 1.39 1.96
CA VAL B 154 -40.41 0.62 0.78
C VAL B 154 -39.14 0.22 0.04
N THR B 155 -39.09 -1.04 -0.39
CA THR B 155 -38.00 -1.58 -1.17
C THR B 155 -38.46 -1.79 -2.60
N VAL B 156 -37.71 -1.26 -3.56
CA VAL B 156 -38.07 -1.36 -4.97
C VAL B 156 -36.93 -2.00 -5.73
N SER B 157 -37.19 -3.17 -6.31
CA SER B 157 -36.25 -3.83 -7.19
C SER B 157 -36.85 -3.94 -8.58
N TRP B 158 -35.98 -4.02 -9.59
CA TRP B 158 -36.41 -4.13 -10.97
C TRP B 158 -35.99 -5.47 -11.57
N ASN B 159 -36.95 -6.15 -12.21
CA ASN B 159 -36.79 -7.49 -12.76
C ASN B 159 -36.17 -8.44 -11.73
N SER B 160 -36.77 -8.46 -10.54
CA SER B 160 -36.28 -9.22 -9.38
C SER B 160 -34.77 -9.33 -9.33
N GLY B 161 -34.07 -8.19 -9.39
CA GLY B 161 -32.63 -8.15 -9.18
C GLY B 161 -31.79 -8.26 -10.43
N ALA B 162 -32.40 -8.53 -11.60
CA ALA B 162 -31.65 -8.69 -12.83
C ALA B 162 -31.33 -7.36 -13.52
N LEU B 163 -31.91 -6.25 -13.05
CA LEU B 163 -31.66 -4.94 -13.62
C LEU B 163 -31.31 -3.98 -12.49
N THR B 164 -30.03 -3.62 -12.39
CA THR B 164 -29.56 -2.66 -11.39
C THR B 164 -28.74 -1.53 -11.97
N SER B 165 -28.29 -1.63 -13.23
CA SER B 165 -27.50 -0.57 -13.84
C SER B 165 -28.43 0.55 -14.29
N GLY B 166 -28.18 1.76 -13.80
CA GLY B 166 -29.00 2.89 -14.13
C GLY B 166 -30.22 3.08 -13.26
N VAL B 167 -30.36 2.31 -12.19
CA VAL B 167 -31.50 2.43 -11.29
C VAL B 167 -31.28 3.63 -10.36
N HIS B 168 -32.28 4.50 -10.29
CA HIS B 168 -32.27 5.64 -9.37
C HIS B 168 -33.57 5.60 -8.58
N THR B 169 -33.49 5.14 -7.33
CA THR B 169 -34.62 5.16 -6.41
C THR B 169 -34.43 6.32 -5.45
N PHE B 170 -35.39 7.24 -5.44
CA PHE B 170 -35.22 8.47 -4.71
C PHE B 170 -35.63 8.29 -3.25
N PRO B 171 -35.19 9.19 -2.37
CA PRO B 171 -35.69 9.15 -1.00
C PRO B 171 -37.13 9.63 -0.95
N ALA B 172 -37.89 9.05 -0.03
CA ALA B 172 -39.31 9.35 0.05
C ALA B 172 -39.55 10.72 0.63
N VAL B 173 -40.53 11.43 0.08
CA VAL B 173 -40.97 12.70 0.61
C VAL B 173 -42.29 12.45 1.35
N LEU B 174 -42.60 13.33 2.28
CA LEU B 174 -43.79 13.21 3.11
C LEU B 174 -44.85 14.23 2.70
N GLN B 175 -46.09 13.76 2.61
CA GLN B 175 -47.21 14.55 2.16
C GLN B 175 -47.96 15.11 3.37
N SER B 176 -48.98 15.94 3.11
CA SER B 176 -49.66 16.64 4.19
C SER B 176 -50.44 15.68 5.08
N SER B 177 -51.01 14.61 4.51
CA SER B 177 -51.80 13.66 5.29
C SER B 177 -50.96 12.64 6.04
N GLY B 178 -49.64 12.71 5.97
CA GLY B 178 -48.79 11.85 6.75
C GLY B 178 -48.24 10.63 6.04
N LEU B 179 -48.49 10.46 4.74
CA LEU B 179 -47.96 9.33 4.02
C LEU B 179 -46.76 9.72 3.17
N TYR B 180 -46.00 8.72 2.76
CA TYR B 180 -44.75 8.92 2.04
C TYR B 180 -44.95 8.65 0.55
N SER B 181 -43.98 9.11 -0.24
CA SER B 181 -44.03 8.96 -1.69
C SER B 181 -42.62 8.98 -2.24
N LEU B 182 -42.27 7.96 -3.03
CA LEU B 182 -40.97 7.89 -3.68
C LEU B 182 -41.15 7.35 -5.09
N SER B 183 -40.22 7.70 -5.97
CA SER B 183 -40.26 7.32 -7.37
C SER B 183 -39.00 6.55 -7.73
N SER B 184 -39.17 5.43 -8.43
CA SER B 184 -38.08 4.58 -8.87
C SER B 184 -37.96 4.68 -10.39
N VAL B 185 -36.78 5.05 -10.88
CA VAL B 185 -36.56 5.25 -12.31
C VAL B 185 -35.33 4.46 -12.75
N VAL B 186 -35.34 4.06 -14.03
CA VAL B 186 -34.21 3.38 -14.66
C VAL B 186 -34.15 3.81 -16.11
N THR B 187 -32.95 3.80 -16.68
CA THR B 187 -32.72 4.25 -18.04
C THR B 187 -32.36 3.06 -18.93
N VAL B 188 -33.04 2.93 -20.06
CA VAL B 188 -32.91 1.78 -20.94
C VAL B 188 -32.78 2.27 -22.39
N PRO B 189 -32.36 1.42 -23.33
CA PRO B 189 -32.37 1.84 -24.73
C PRO B 189 -33.79 1.95 -25.27
N SER B 190 -34.03 2.99 -26.06
CA SER B 190 -35.34 3.21 -26.65
C SER B 190 -35.60 2.33 -27.87
N SER B 191 -34.55 1.78 -28.47
CA SER B 191 -34.73 0.87 -29.60
C SER B 191 -35.53 -0.37 -29.21
N SER B 192 -35.32 -0.88 -28.00
CA SER B 192 -35.81 -2.19 -27.59
C SER B 192 -36.93 -2.09 -26.55
N LEU B 193 -37.80 -1.10 -26.67
CA LEU B 193 -38.92 -0.99 -25.73
C LEU B 193 -40.07 -1.92 -26.05
N GLY B 194 -40.09 -2.55 -27.22
CA GLY B 194 -41.18 -3.44 -27.54
C GLY B 194 -40.87 -4.92 -27.36
N THR B 195 -39.59 -5.26 -27.22
CA THR B 195 -39.18 -6.65 -27.05
C THR B 195 -38.87 -7.02 -25.61
N GLN B 196 -38.30 -6.11 -24.83
CA GLN B 196 -37.95 -6.37 -23.44
C GLN B 196 -39.05 -5.83 -22.54
N THR B 197 -39.10 -6.38 -21.31
CA THR B 197 -40.09 -5.97 -20.32
C THR B 197 -39.41 -5.65 -19.01
N TYR B 198 -39.83 -4.55 -18.39
CA TYR B 198 -39.24 -4.05 -17.15
C TYR B 198 -40.31 -4.04 -16.08
N ILE B 199 -40.09 -4.83 -15.02
CA ILE B 199 -41.05 -5.01 -13.95
C ILE B 199 -40.43 -4.53 -12.64
N CYS B 200 -41.07 -3.55 -12.01
CA CYS B 200 -40.65 -3.11 -10.68
C CYS B 200 -41.25 -4.01 -9.60
N ASN B 201 -40.44 -4.37 -8.60
CA ASN B 201 -40.92 -5.13 -7.44
C ASN B 201 -40.85 -4.19 -6.25
N VAL B 202 -42.00 -3.89 -5.67
CA VAL B 202 -42.09 -2.99 -4.53
C VAL B 202 -42.56 -3.84 -3.36
N ASN B 203 -41.82 -3.80 -2.26
CA ASN B 203 -42.12 -4.60 -1.09
C ASN B 203 -42.10 -3.68 0.13
N HIS B 204 -43.21 -3.67 0.87
CA HIS B 204 -43.34 -2.90 2.11
C HIS B 204 -43.78 -3.88 3.19
N LYS B 205 -42.83 -4.32 4.02
CA LYS B 205 -42.99 -5.45 4.92
C LYS B 205 -43.93 -5.19 6.10
N PRO B 206 -43.85 -4.03 6.79
CA PRO B 206 -44.80 -3.76 7.88
C PRO B 206 -46.24 -4.14 7.59
N SER B 207 -46.72 -3.90 6.37
CA SER B 207 -48.06 -4.28 5.97
C SER B 207 -48.07 -5.51 5.08
N ASN B 208 -46.90 -6.07 4.78
CA ASN B 208 -46.76 -7.32 4.03
C ASN B 208 -47.41 -7.26 2.65
N THR B 209 -47.14 -6.17 1.93
CA THR B 209 -47.64 -6.01 0.56
C THR B 209 -46.50 -6.15 -0.44
N LYS B 210 -46.68 -7.05 -1.40
CA LYS B 210 -45.71 -7.32 -2.46
C LYS B 210 -46.46 -7.22 -3.78
N VAL B 211 -46.33 -6.09 -4.49
CA VAL B 211 -47.00 -5.93 -5.78
C VAL B 211 -45.93 -5.65 -6.83
N ASP B 212 -46.15 -6.19 -8.03
CA ASP B 212 -45.19 -6.14 -9.12
C ASP B 212 -45.88 -5.58 -10.36
N LYS B 213 -45.30 -4.54 -10.96
CA LYS B 213 -45.95 -3.81 -12.04
C LYS B 213 -45.04 -3.73 -13.27
N LYS B 214 -45.58 -4.19 -14.41
CA LYS B 214 -44.92 -4.04 -15.70
C LYS B 214 -45.41 -2.76 -16.33
N VAL B 215 -44.48 -1.91 -16.76
CA VAL B 215 -44.80 -0.61 -17.34
C VAL B 215 -44.62 -0.70 -18.85
N GLU B 216 -45.60 -0.20 -19.60
CA GLU B 216 -45.53 -0.28 -21.04
C GLU B 216 -45.62 1.10 -21.66
N PRO B 217 -44.84 1.38 -22.71
CA PRO B 217 -44.83 2.66 -23.44
C PRO B 217 -46.20 3.05 -23.97
N ASP C 1 19.76 -8.79 -29.24
CA ASP C 1 20.38 -7.97 -28.20
C ASP C 1 21.35 -6.96 -28.80
N ILE C 2 21.32 -5.74 -28.29
CA ILE C 2 22.25 -4.69 -28.68
C ILE C 2 23.37 -4.66 -27.63
N VAL C 3 24.53 -5.22 -27.98
CA VAL C 3 25.68 -5.16 -27.08
C VAL C 3 26.12 -3.71 -26.88
N MET C 4 26.58 -3.41 -25.67
CA MET C 4 27.24 -2.15 -25.37
C MET C 4 28.56 -2.41 -24.68
N THR C 5 29.63 -1.86 -25.24
CA THR C 5 31.00 -2.06 -24.77
C THR C 5 31.50 -0.74 -24.17
N GLN C 6 32.14 -0.84 -23.00
CA GLN C 6 32.74 0.32 -22.37
C GLN C 6 34.25 0.17 -22.24
N SER C 7 34.91 1.33 -22.13
CA SER C 7 36.36 1.38 -21.97
C SER C 7 36.74 2.60 -21.15
N PRO C 8 37.63 2.42 -20.17
CA PRO C 8 38.25 1.16 -19.75
C PRO C 8 37.30 0.25 -18.98
N LEU C 9 37.80 -0.90 -18.55
CA LEU C 9 37.10 -1.71 -17.56
C LEU C 9 37.52 -1.36 -16.14
N SER C 10 38.69 -0.73 -15.96
CA SER C 10 39.09 -0.18 -14.69
C SER C 10 40.02 1.01 -14.94
N LEU C 11 39.83 2.08 -14.17
CA LEU C 11 40.60 3.32 -14.35
C LEU C 11 40.95 3.88 -12.98
N PRO C 12 42.19 3.63 -12.52
CA PRO C 12 42.68 4.27 -11.29
C PRO C 12 42.96 5.75 -11.50
N VAL C 13 42.31 6.61 -10.71
CA VAL C 13 42.55 8.04 -10.75
C VAL C 13 42.60 8.57 -9.32
N THR C 14 43.59 9.40 -9.03
CA THR C 14 43.69 10.09 -7.74
C THR C 14 42.72 11.27 -7.71
N PRO C 15 42.09 11.55 -6.56
CA PRO C 15 41.07 12.60 -6.52
C PRO C 15 41.63 13.96 -6.87
N GLY C 16 40.85 14.70 -7.67
CA GLY C 16 41.28 15.96 -8.25
C GLY C 16 41.58 15.90 -9.73
N GLU C 17 41.54 14.73 -10.34
CA GLU C 17 41.81 14.57 -11.77
C GLU C 17 40.54 14.16 -12.52
N PRO C 18 40.41 14.55 -13.79
CA PRO C 18 39.23 14.17 -14.57
C PRO C 18 39.20 12.67 -14.82
N ALA C 19 38.04 12.20 -15.25
CA ALA C 19 37.85 10.79 -15.58
C ALA C 19 36.73 10.69 -16.61
N SER C 20 37.03 10.09 -17.75
CA SER C 20 36.08 9.93 -18.84
C SER C 20 35.88 8.44 -19.10
N ILE C 21 34.61 8.04 -19.24
CA ILE C 21 34.27 6.67 -19.59
C ILE C 21 33.38 6.71 -20.82
N SER C 22 33.72 5.89 -21.81
CA SER C 22 32.96 5.79 -23.04
C SER C 22 32.24 4.44 -23.09
N CYS C 23 31.07 4.44 -23.73
CA CYS C 23 30.26 3.23 -23.91
C CYS C 23 29.65 3.25 -25.30
N ARG C 24 30.07 2.30 -26.13
CA ARG C 24 29.70 2.27 -27.53
C ARG C 24 28.71 1.15 -27.83
N SER C 25 27.91 1.37 -28.87
CA SER C 25 26.88 0.43 -29.31
C SER C 25 27.12 0.01 -30.75
N ARG C 26 26.87 -1.27 -31.05
CA ARG C 26 26.92 -1.78 -32.41
C ARG C 26 26.06 -0.93 -33.33
N GLN C 27 24.74 -0.89 -33.09
CA GLN C 27 23.84 -0.11 -33.93
C GLN C 27 23.41 1.15 -33.18
N SER C 28 22.55 1.93 -33.83
CA SER C 28 21.99 3.11 -33.22
C SER C 28 21.22 2.78 -31.95
N ILE C 29 21.28 3.71 -31.00
CA ILE C 29 20.43 3.71 -29.83
C ILE C 29 19.37 4.81 -29.93
N VAL C 30 19.07 5.27 -31.14
CA VAL C 30 18.05 6.29 -31.35
C VAL C 30 16.68 5.60 -31.42
N HIS C 31 15.73 6.10 -30.66
CA HIS C 31 14.40 5.52 -30.66
C HIS C 31 13.58 6.09 -31.80
N THR C 32 12.51 5.37 -32.17
CA THR C 32 11.56 5.86 -33.17
C THR C 32 11.19 7.32 -32.96
N ASN C 33 10.98 7.73 -31.71
CA ASN C 33 10.65 9.11 -31.38
C ASN C 33 11.70 10.14 -31.81
N ARG C 34 12.91 9.73 -32.21
CA ARG C 34 14.11 10.55 -32.50
C ARG C 34 14.88 11.04 -31.26
N TYR C 35 14.61 10.51 -30.07
CA TYR C 35 15.43 10.68 -28.86
C TYR C 35 16.31 9.45 -28.68
N THR C 36 17.38 9.63 -27.92
CA THR C 36 18.31 8.55 -27.60
C THR C 36 18.36 8.44 -26.08
N TYR C 37 17.88 7.31 -25.55
CA TYR C 37 17.79 7.11 -24.11
C TYR C 37 19.01 6.30 -23.68
N LEU C 38 20.00 7.01 -23.17
CA LEU C 38 21.19 6.43 -22.56
C LEU C 38 21.20 6.83 -21.10
N ALA C 39 21.24 5.85 -20.21
CA ALA C 39 21.19 6.10 -18.78
C ALA C 39 22.50 5.65 -18.14
N TRP C 40 23.08 6.53 -17.32
CA TRP C 40 24.27 6.22 -16.55
C TRP C 40 23.91 5.95 -15.10
N TYR C 41 24.42 4.85 -14.56
CA TYR C 41 24.15 4.44 -13.19
C TYR C 41 25.45 4.31 -12.40
N LEU C 42 25.32 4.32 -11.08
CA LEU C 42 26.44 4.14 -10.17
C LEU C 42 26.06 3.14 -9.09
N GLN C 43 26.88 2.11 -8.95
CA GLN C 43 26.73 1.09 -7.92
C GLN C 43 27.81 1.31 -6.87
N LYS C 44 27.43 1.86 -5.72
CA LYS C 44 28.39 2.00 -4.66
C LYS C 44 28.74 0.62 -4.10
N PRO C 45 29.95 0.47 -3.58
CA PRO C 45 30.36 -0.81 -2.98
C PRO C 45 29.42 -1.22 -1.86
N GLY C 46 28.73 -2.36 -2.06
CA GLY C 46 27.78 -2.88 -1.10
C GLY C 46 26.35 -2.37 -1.23
N GLN C 47 26.14 -1.26 -1.92
CA GLN C 47 24.82 -0.68 -2.06
C GLN C 47 24.24 -0.97 -3.45
N SER C 48 22.99 -0.57 -3.67
CA SER C 48 22.33 -0.77 -4.93
C SER C 48 22.68 0.35 -5.91
N PRO C 49 22.53 0.12 -7.21
CA PRO C 49 22.86 1.17 -8.18
C PRO C 49 21.99 2.40 -7.98
N GLN C 50 22.47 3.52 -8.53
CA GLN C 50 21.75 4.78 -8.50
C GLN C 50 21.94 5.46 -9.85
N LEU C 51 20.98 6.30 -10.24
CA LEU C 51 21.01 6.98 -11.53
C LEU C 51 21.71 8.32 -11.42
N LEU C 52 22.53 8.63 -12.42
CA LEU C 52 23.25 9.89 -12.50
C LEU C 52 22.81 10.68 -13.73
N ILE C 53 22.93 10.10 -14.92
CA ILE C 53 22.60 10.75 -16.18
C ILE C 53 21.63 9.85 -16.91
N TYR C 54 20.49 10.42 -17.31
CA TYR C 54 19.54 9.73 -18.15
C TYR C 54 19.42 10.52 -19.45
N LYS C 55 19.29 9.79 -20.56
CA LYS C 55 19.15 10.42 -21.88
C LYS C 55 20.33 11.34 -22.19
N VAL C 56 21.48 10.68 -22.43
CA VAL C 56 22.77 11.23 -22.87
C VAL C 56 23.34 12.27 -21.92
N SER C 57 22.57 13.32 -21.59
CA SER C 57 23.12 14.42 -20.80
C SER C 57 22.15 15.07 -19.82
N ASN C 58 21.04 14.44 -19.46
CA ASN C 58 20.13 14.99 -18.46
C ASN C 58 20.57 14.48 -17.09
N ARG C 59 20.87 15.40 -16.18
CA ARG C 59 21.33 15.00 -14.86
C ARG C 59 20.15 14.61 -13.99
N PHE C 60 20.42 13.76 -13.00
CA PHE C 60 19.39 13.27 -12.11
C PHE C 60 19.22 14.22 -10.92
N SER C 61 18.16 14.01 -10.16
CA SER C 61 17.87 14.82 -8.98
C SER C 61 18.92 14.53 -7.90
N GLY C 62 19.74 15.53 -7.58
CA GLY C 62 20.70 15.43 -6.51
C GLY C 62 22.12 15.14 -6.92
N VAL C 63 22.39 14.96 -8.21
CA VAL C 63 23.76 14.68 -8.67
C VAL C 63 24.51 15.99 -8.79
N PRO C 64 25.78 16.05 -8.37
CA PRO C 64 26.57 17.28 -8.50
C PRO C 64 26.66 17.75 -9.95
N ASP C 65 27.00 19.02 -10.10
CA ASP C 65 27.17 19.65 -11.41
C ASP C 65 28.30 19.02 -12.24
N ARG C 66 29.18 18.24 -11.62
CA ARG C 66 30.40 17.80 -12.30
C ARG C 66 30.23 16.52 -13.12
N PHE C 67 29.03 15.95 -13.19
CA PHE C 67 28.77 14.78 -14.03
C PHE C 67 28.06 15.27 -15.30
N SER C 68 28.75 15.16 -16.43
CA SER C 68 28.26 15.64 -17.71
C SER C 68 28.36 14.51 -18.72
N GLY C 69 27.33 14.35 -19.52
CA GLY C 69 27.28 13.31 -20.52
C GLY C 69 27.23 13.91 -21.91
N SER C 70 27.76 13.16 -22.88
CA SER C 70 27.75 13.61 -24.26
C SER C 70 27.68 12.38 -25.15
N GLY C 71 27.68 12.62 -26.46
CA GLY C 71 27.62 11.52 -27.38
C GLY C 71 26.33 11.52 -28.18
N SER C 72 26.35 10.75 -29.27
CA SER C 72 25.20 10.62 -30.16
C SER C 72 25.06 9.17 -30.56
N GLY C 73 23.81 8.76 -30.79
CA GLY C 73 23.43 7.46 -31.28
C GLY C 73 24.43 6.33 -31.19
N THR C 74 25.59 6.52 -31.83
CA THR C 74 26.63 5.51 -31.86
C THR C 74 27.61 5.64 -30.68
N ASP C 75 28.26 6.82 -30.53
CA ASP C 75 29.30 7.03 -29.53
C ASP C 75 28.76 7.78 -28.32
N PHE C 76 29.19 7.40 -27.12
CA PHE C 76 28.82 8.13 -25.94
C PHE C 76 30.00 8.17 -24.98
N THR C 77 30.02 9.17 -24.11
CA THR C 77 31.08 9.31 -23.13
C THR C 77 30.53 10.09 -21.96
N LEU C 78 30.72 9.55 -20.77
CA LEU C 78 30.41 10.24 -19.53
C LEU C 78 31.73 10.81 -19.02
N LYS C 79 31.74 12.10 -18.73
CA LYS C 79 32.94 12.76 -18.26
C LYS C 79 32.69 13.29 -16.86
N ILE C 80 33.75 13.39 -16.07
CA ILE C 80 33.70 13.97 -14.74
C ILE C 80 34.82 14.99 -14.65
N SER C 81 34.50 16.18 -14.14
CA SER C 81 35.49 17.23 -14.00
C SER C 81 36.56 16.81 -13.01
N ARG C 82 36.18 16.65 -11.75
CA ARG C 82 37.09 16.22 -10.69
C ARG C 82 36.44 15.06 -9.96
N VAL C 83 37.18 13.99 -9.75
CA VAL C 83 36.60 12.83 -9.07
C VAL C 83 36.88 12.99 -7.58
N GLU C 84 35.98 12.45 -6.76
CA GLU C 84 36.08 12.55 -5.32
C GLU C 84 35.96 11.16 -4.70
N ALA C 85 36.40 11.05 -3.44
CA ALA C 85 36.46 9.74 -2.78
C ALA C 85 35.10 9.05 -2.72
N GLU C 86 34.01 9.82 -2.71
CA GLU C 86 32.67 9.24 -2.69
C GLU C 86 32.27 8.66 -4.04
N ASP C 87 33.07 8.84 -5.08
CA ASP C 87 32.73 8.40 -6.42
C ASP C 87 33.20 6.97 -6.69
N VAL C 88 33.82 6.32 -5.70
CA VAL C 88 34.20 4.92 -5.83
C VAL C 88 33.01 4.06 -6.22
N GLY C 89 33.25 3.07 -7.06
CA GLY C 89 32.24 2.09 -7.42
C GLY C 89 32.39 1.66 -8.86
N VAL C 90 31.32 1.09 -9.40
CA VAL C 90 31.27 0.61 -10.78
C VAL C 90 30.14 1.33 -11.49
N TYR C 91 30.40 1.74 -12.74
CA TYR C 91 29.49 2.56 -13.53
C TYR C 91 28.96 1.77 -14.71
N TYR C 92 27.67 1.94 -15.00
CA TYR C 92 27.01 1.23 -16.09
C TYR C 92 26.32 2.22 -17.03
N CYS C 93 26.50 2.01 -18.34
CA CYS C 93 25.66 2.65 -19.34
C CYS C 93 24.45 1.76 -19.61
N PHE C 94 23.32 2.37 -19.91
CA PHE C 94 22.11 1.59 -20.08
C PHE C 94 21.28 2.16 -21.23
N GLN C 95 20.80 1.26 -22.09
CA GLN C 95 20.04 1.61 -23.28
C GLN C 95 18.54 1.63 -22.98
N GLY C 96 17.86 2.66 -23.48
CA GLY C 96 16.42 2.76 -23.28
C GLY C 96 15.57 2.99 -24.51
N SER C 97 15.88 2.34 -25.64
CA SER C 97 15.09 2.57 -26.84
C SER C 97 14.43 1.31 -27.39
N HIS C 98 15.18 0.22 -27.52
CA HIS C 98 14.72 -0.99 -28.21
C HIS C 98 14.68 -2.16 -27.22
N VAL C 99 13.59 -2.92 -27.27
CA VAL C 99 13.47 -4.16 -26.52
C VAL C 99 14.24 -5.27 -27.24
N PRO C 100 15.00 -6.08 -26.49
CA PRO C 100 15.35 -5.97 -25.06
C PRO C 100 16.31 -4.82 -24.71
N TYR C 101 16.10 -4.23 -23.54
CA TYR C 101 17.05 -3.26 -23.00
C TYR C 101 18.30 -3.96 -22.48
N THR C 102 19.45 -3.35 -22.74
CA THR C 102 20.74 -3.95 -22.41
C THR C 102 21.54 -3.01 -21.52
N PHE C 103 22.54 -3.59 -20.86
CA PHE C 103 23.49 -2.84 -20.07
C PHE C 103 24.87 -2.97 -20.68
N GLY C 104 25.79 -2.15 -20.20
CA GLY C 104 27.18 -2.24 -20.59
C GLY C 104 28.00 -3.00 -19.56
N GLY C 105 29.26 -3.23 -19.90
CA GLY C 105 30.18 -3.87 -18.98
C GLY C 105 30.38 -3.06 -17.71
N GLY C 106 31.23 -3.54 -16.81
CA GLY C 106 31.50 -2.85 -15.58
C GLY C 106 32.80 -2.07 -15.66
N THR C 107 32.69 -0.74 -15.59
CA THR C 107 33.85 0.14 -15.53
C THR C 107 34.08 0.46 -14.06
N LYS C 108 35.19 -0.02 -13.51
CA LYS C 108 35.49 0.13 -12.10
C LYS C 108 36.40 1.34 -11.91
N LEU C 109 35.99 2.26 -11.04
CA LEU C 109 36.77 3.44 -10.75
C LEU C 109 37.51 3.23 -9.44
N GLU C 110 38.80 3.54 -9.43
CA GLU C 110 39.64 3.34 -8.26
C GLU C 110 40.28 4.67 -7.87
N ILE C 111 40.30 4.96 -6.58
CA ILE C 111 40.88 6.20 -6.07
C ILE C 111 42.30 5.91 -5.64
N LYS C 112 43.25 6.73 -6.10
CA LYS C 112 44.66 6.54 -5.80
C LYS C 112 45.01 7.50 -4.67
N ARG C 113 45.09 6.94 -3.48
CA ARG C 113 45.28 7.65 -2.24
C ARG C 113 46.76 7.54 -1.83
N THR C 114 47.15 8.28 -0.79
CA THR C 114 48.50 8.09 -0.30
C THR C 114 48.60 6.76 0.44
N VAL C 115 49.84 6.33 0.71
CA VAL C 115 50.05 5.03 1.33
C VAL C 115 49.71 5.13 2.81
N ALA C 116 49.03 4.10 3.32
CA ALA C 116 48.51 4.09 4.68
C ALA C 116 49.05 2.86 5.41
N ALA C 117 49.53 3.07 6.62
CA ALA C 117 50.15 1.98 7.37
C ALA C 117 49.06 1.08 7.95
N PRO C 118 49.13 -0.23 7.73
CA PRO C 118 48.17 -1.14 8.35
C PRO C 118 48.17 -1.06 9.86
N SER C 119 47.03 -1.41 10.44
CA SER C 119 46.90 -1.69 11.87
C SER C 119 46.53 -3.15 12.02
N VAL C 120 47.41 -3.92 12.68
CA VAL C 120 47.30 -5.38 12.72
C VAL C 120 46.79 -5.80 14.09
N PHE C 121 45.81 -6.72 14.10
CA PHE C 121 45.29 -7.28 15.33
C PHE C 121 45.12 -8.78 15.15
N ILE C 122 45.09 -9.50 16.27
CA ILE C 122 44.98 -10.96 16.26
C ILE C 122 44.02 -11.37 17.35
N PHE C 123 43.22 -12.40 17.07
CA PHE C 123 42.18 -12.86 17.99
C PHE C 123 42.30 -14.36 18.21
N PRO C 124 42.60 -14.82 19.43
CA PRO C 124 42.59 -16.26 19.72
C PRO C 124 41.25 -16.89 19.41
N PRO C 125 41.20 -18.21 19.25
CA PRO C 125 39.92 -18.87 18.98
C PRO C 125 38.99 -18.80 20.18
N SER C 126 37.69 -18.73 19.88
CA SER C 126 36.69 -18.64 20.93
C SER C 126 36.65 -19.93 21.75
N ASP C 127 36.36 -19.77 23.05
CA ASP C 127 36.13 -20.94 23.89
C ASP C 127 34.84 -21.66 23.51
N GLU C 128 33.92 -20.98 22.82
CA GLU C 128 32.69 -21.60 22.36
C GLU C 128 32.90 -22.42 21.10
N GLN C 129 34.04 -22.27 20.43
CA GLN C 129 34.35 -23.04 19.24
C GLN C 129 35.31 -24.18 19.49
N LEU C 130 36.21 -24.05 20.48
CA LEU C 130 37.02 -25.17 20.91
C LEU C 130 36.18 -26.26 21.57
N LYS C 131 34.95 -25.94 21.99
CA LYS C 131 34.01 -26.97 22.42
C LYS C 131 33.36 -27.68 21.24
N SER C 132 33.50 -27.16 20.03
CA SER C 132 32.98 -27.80 18.83
C SER C 132 34.00 -28.66 18.11
N GLY C 133 35.27 -28.60 18.51
CA GLY C 133 36.31 -29.35 17.86
C GLY C 133 37.11 -28.62 16.81
N THR C 134 37.14 -27.29 16.85
CA THR C 134 37.85 -26.49 15.86
C THR C 134 38.47 -25.29 16.54
N ALA C 135 39.50 -24.73 15.91
CA ALA C 135 40.22 -23.57 16.45
C ALA C 135 40.59 -22.65 15.30
N SER C 136 39.92 -21.51 15.21
CA SER C 136 40.18 -20.53 14.16
C SER C 136 40.92 -19.34 14.75
N VAL C 137 42.01 -18.94 14.10
CA VAL C 137 42.78 -17.76 14.51
C VAL C 137 42.63 -16.71 13.42
N VAL C 138 42.25 -15.50 13.82
CA VAL C 138 41.88 -14.43 12.90
C VAL C 138 42.88 -13.28 13.04
N CYS C 139 43.60 -13.00 11.96
CA CYS C 139 44.43 -11.80 11.89
C CYS C 139 43.72 -10.75 11.04
N LEU C 140 43.77 -9.49 11.48
CA LEU C 140 43.02 -8.41 10.86
C LEU C 140 43.90 -7.21 10.56
N LEU C 141 43.76 -6.68 9.34
CA LEU C 141 44.43 -5.46 8.89
C LEU C 141 43.39 -4.41 8.53
N ASN C 142 43.60 -3.15 8.95
CA ASN C 142 42.59 -2.11 8.77
C ASN C 142 43.23 -0.80 8.30
N ASN C 143 42.53 -0.12 7.39
CA ASN C 143 42.97 1.14 6.76
C ASN C 143 44.45 1.09 6.36
N PHE C 144 44.72 0.29 5.34
CA PHE C 144 46.02 0.31 4.68
C PHE C 144 45.83 0.63 3.21
N TYR C 145 46.90 1.10 2.59
CA TYR C 145 46.89 1.35 1.15
C TYR C 145 48.33 1.34 0.61
N PRO C 146 48.54 0.69 -0.55
CA PRO C 146 47.49 0.05 -1.35
C PRO C 146 47.13 -1.34 -0.84
N ARG C 147 46.32 -2.05 -1.64
CA ARG C 147 45.74 -3.32 -1.21
C ARG C 147 46.77 -4.42 -1.04
N GLU C 148 47.90 -4.32 -1.75
CA GLU C 148 48.90 -5.39 -1.74
C GLU C 148 49.50 -5.56 -0.36
N ALA C 149 49.12 -6.63 0.33
CA ALA C 149 49.63 -6.94 1.65
C ALA C 149 49.76 -8.45 1.80
N LYS C 150 50.88 -8.90 2.35
CA LYS C 150 51.16 -10.31 2.54
C LYS C 150 51.03 -10.67 4.00
N VAL C 151 50.27 -11.73 4.30
CA VAL C 151 50.05 -12.19 5.65
C VAL C 151 50.42 -13.68 5.68
N GLN C 152 51.51 -14.00 6.38
CA GLN C 152 51.96 -15.36 6.55
C GLN C 152 51.82 -15.76 8.02
N TRP C 153 51.51 -17.03 8.23
CA TRP C 153 51.25 -17.55 9.56
C TRP C 153 52.43 -18.38 10.05
N LYS C 154 52.74 -18.24 11.34
CA LYS C 154 53.80 -19.02 11.97
C LYS C 154 53.29 -19.58 13.29
N VAL C 155 53.46 -20.88 13.47
CA VAL C 155 53.07 -21.58 14.68
C VAL C 155 54.33 -22.25 15.22
N ASP C 156 54.85 -21.73 16.34
CA ASP C 156 56.16 -22.12 16.85
C ASP C 156 57.25 -21.86 15.82
N ASN C 157 57.26 -20.64 15.29
CA ASN C 157 58.27 -20.15 14.35
C ASN C 157 58.34 -20.96 13.06
N ALA C 158 57.45 -21.93 12.90
CA ALA C 158 57.35 -22.71 11.66
C ALA C 158 56.39 -22.02 10.71
N LEU C 159 56.73 -22.01 9.42
CA LEU C 159 55.87 -21.35 8.44
C LEU C 159 54.83 -22.33 7.89
N GLN C 160 53.64 -21.80 7.60
CA GLN C 160 52.45 -22.59 7.33
C GLN C 160 51.94 -22.32 5.93
N SER C 161 51.35 -23.35 5.32
CA SER C 161 50.62 -23.18 4.08
C SER C 161 49.62 -24.34 3.91
N GLY C 162 48.42 -24.01 3.43
CA GLY C 162 47.37 -24.98 3.19
C GLY C 162 46.21 -24.95 4.16
N ASN C 163 46.27 -24.18 5.24
CA ASN C 163 45.19 -24.10 6.20
C ASN C 163 44.79 -22.65 6.45
N SER C 164 45.09 -21.78 5.48
CA SER C 164 44.87 -20.36 5.58
C SER C 164 43.92 -19.91 4.48
N GLN C 165 43.10 -18.90 4.77
CA GLN C 165 42.25 -18.28 3.78
C GLN C 165 42.16 -16.77 4.05
N GLU C 166 42.04 -15.99 2.98
CA GLU C 166 42.08 -14.53 3.09
C GLU C 166 40.86 -13.87 2.47
N SER C 167 40.60 -12.66 2.97
CA SER C 167 39.38 -11.90 2.68
C SER C 167 39.70 -10.42 2.79
N VAL C 168 39.62 -9.70 1.67
CA VAL C 168 39.86 -8.27 1.63
C VAL C 168 38.56 -7.56 1.24
N THR C 169 38.30 -6.42 1.88
CA THR C 169 37.07 -5.67 1.68
C THR C 169 37.13 -4.89 0.36
N GLU C 170 36.08 -4.11 0.12
CA GLU C 170 36.06 -3.15 -0.96
C GLU C 170 36.81 -1.88 -0.55
N GLN C 171 37.01 -0.99 -1.52
CA GLN C 171 37.59 0.30 -1.22
C GLN C 171 36.54 1.20 -0.58
N ASP C 172 36.97 1.96 0.43
CA ASP C 172 36.04 2.75 1.22
C ASP C 172 35.70 4.05 0.52
N SER C 173 34.44 4.43 0.59
CA SER C 173 33.94 5.66 -0.03
C SER C 173 34.27 6.91 0.80
N LYS C 174 35.10 6.81 1.84
CA LYS C 174 35.46 7.97 2.63
C LYS C 174 36.97 8.21 2.71
N ASP C 175 37.75 7.17 3.01
CA ASP C 175 39.20 7.32 3.12
C ASP C 175 39.97 6.53 2.08
N SER C 176 39.28 5.88 1.14
CA SER C 176 39.90 5.23 -0.02
C SER C 176 40.81 4.08 0.38
N THR C 177 40.49 3.39 1.48
CA THR C 177 41.37 2.40 2.07
C THR C 177 40.67 1.04 2.09
N TYR C 178 41.48 0.00 2.25
CA TYR C 178 40.98 -1.37 2.34
C TYR C 178 41.31 -1.97 3.69
N SER C 179 40.76 -3.16 3.91
CA SER C 179 41.04 -3.95 5.10
C SER C 179 41.00 -5.40 4.68
N LEU C 180 41.69 -6.24 5.44
CA LEU C 180 41.78 -7.65 5.07
C LEU C 180 41.87 -8.49 6.34
N SER C 181 41.21 -9.64 6.31
CA SER C 181 41.19 -10.56 7.44
C SER C 181 41.56 -11.94 6.95
N SER C 182 42.62 -12.52 7.53
CA SER C 182 43.07 -13.85 7.17
C SER C 182 42.68 -14.81 8.28
N THR C 183 41.91 -15.84 7.92
CA THR C 183 41.42 -16.84 8.86
C THR C 183 42.20 -18.13 8.67
N LEU C 184 42.92 -18.54 9.71
CA LEU C 184 43.63 -19.81 9.72
C LEU C 184 42.92 -20.80 10.65
N THR C 185 42.56 -21.95 10.09
CA THR C 185 41.68 -22.93 10.73
C THR C 185 42.44 -24.21 11.04
N LEU C 186 42.40 -24.63 12.31
CA LEU C 186 42.93 -25.93 12.72
C LEU C 186 41.91 -26.69 13.54
N SER C 187 42.18 -27.97 13.70
CA SER C 187 41.47 -28.82 14.63
C SER C 187 41.88 -28.53 16.07
N LYS C 188 41.00 -28.93 16.99
CA LYS C 188 41.28 -28.71 18.41
C LYS C 188 42.49 -29.52 18.86
N ALA C 189 42.67 -30.72 18.31
CA ALA C 189 43.81 -31.55 18.68
C ALA C 189 45.12 -30.90 18.26
N ASP C 190 45.22 -30.49 16.99
CA ASP C 190 46.44 -29.85 16.50
C ASP C 190 46.67 -28.49 17.11
N TYR C 191 45.65 -27.89 17.72
CA TYR C 191 45.81 -26.61 18.40
C TYR C 191 46.49 -26.78 19.74
N GLU C 192 46.17 -27.87 20.46
CA GLU C 192 46.76 -28.16 21.76
C GLU C 192 48.16 -28.76 21.66
N LYS C 193 48.84 -28.63 20.52
CA LYS C 193 50.17 -29.18 20.34
C LYS C 193 51.26 -28.14 20.26
N HIS C 194 50.92 -26.87 20.06
CA HIS C 194 51.90 -25.80 19.89
C HIS C 194 51.68 -24.74 20.98
N LYS C 195 52.54 -23.72 20.96
CA LYS C 195 52.50 -22.69 21.99
C LYS C 195 52.21 -21.32 21.38
N VAL C 196 53.13 -20.75 20.60
CA VAL C 196 52.98 -19.41 20.07
C VAL C 196 52.34 -19.47 18.69
N TYR C 197 51.34 -18.61 18.47
CA TYR C 197 50.68 -18.46 17.17
C TYR C 197 50.87 -17.01 16.74
N ALA C 198 51.63 -16.81 15.66
CA ALA C 198 52.01 -15.48 15.22
C ALA C 198 51.40 -15.16 13.87
N CYS C 199 51.29 -13.86 13.59
CA CYS C 199 50.78 -13.34 12.32
C CYS C 199 51.80 -12.34 11.79
N GLU C 200 52.61 -12.76 10.83
CA GLU C 200 53.63 -11.91 10.24
C GLU C 200 53.02 -11.14 9.07
N VAL C 201 53.24 -9.83 9.04
CA VAL C 201 52.65 -8.96 8.04
C VAL C 201 53.74 -8.11 7.41
N THR C 202 53.74 -8.06 6.08
CA THR C 202 54.64 -7.23 5.29
C THR C 202 53.76 -6.44 4.33
N HIS C 203 53.97 -5.13 4.25
CA HIS C 203 53.17 -4.32 3.36
C HIS C 203 53.98 -3.10 2.98
N GLN C 204 53.65 -2.51 1.82
CA GLN C 204 54.48 -1.45 1.24
C GLN C 204 54.69 -0.31 2.21
N GLY C 205 53.65 0.08 2.96
CA GLY C 205 53.70 1.20 3.88
C GLY C 205 54.47 0.96 5.15
N LEU C 206 54.82 -0.28 5.44
CA LEU C 206 55.58 -0.67 6.62
C LEU C 206 57.07 -0.66 6.30
N SER C 207 57.86 -0.06 7.20
CA SER C 207 59.31 -0.09 7.04
C SER C 207 59.82 -1.52 6.92
N SER C 208 59.24 -2.44 7.66
CA SER C 208 59.66 -3.84 7.68
C SER C 208 58.61 -4.65 8.45
N PRO C 209 58.62 -5.97 8.30
CA PRO C 209 57.56 -6.81 8.90
C PRO C 209 57.32 -6.56 10.38
N VAL C 210 56.03 -6.54 10.74
CA VAL C 210 55.57 -6.50 12.12
C VAL C 210 54.92 -7.85 12.44
N THR C 211 55.24 -8.40 13.61
CA THR C 211 54.76 -9.72 14.01
C THR C 211 53.89 -9.60 15.26
N LYS C 212 52.64 -10.04 15.14
CA LYS C 212 51.72 -10.13 16.26
C LYS C 212 51.57 -11.59 16.66
N SER C 213 51.52 -11.85 17.97
CA SER C 213 51.59 -13.21 18.47
C SER C 213 50.79 -13.35 19.76
N PHE C 214 50.45 -14.59 20.08
CA PHE C 214 49.82 -14.93 21.35
C PHE C 214 50.19 -16.35 21.74
N ASN C 215 50.17 -16.62 23.04
CA ASN C 215 50.36 -17.96 23.60
C ASN C 215 49.06 -18.48 24.18
N ARG C 216 48.91 -19.81 24.13
CA ARG C 216 47.66 -20.45 24.52
C ARG C 216 47.40 -20.27 26.01
N GLY C 217 46.18 -19.85 26.35
CA GLY C 217 45.78 -19.76 27.74
C GLY C 217 46.34 -18.59 28.51
N GLU C 218 46.77 -17.53 27.83
CA GLU C 218 47.38 -16.38 28.48
C GLU C 218 46.45 -15.18 28.43
N CYS C 219 46.65 -14.28 29.38
CA CYS C 219 45.86 -13.06 29.47
C CYS C 219 46.64 -11.97 30.20
N PCA D 1 9.54 8.91 2.33
CA PCA D 1 10.75 8.66 1.54
CB PCA D 1 11.87 8.13 2.42
CG PCA D 1 11.21 7.65 3.71
CD PCA D 1 9.85 8.29 3.61
OE PCA D 1 9.08 8.27 4.58
C PCA D 1 10.48 7.61 0.48
O PCA D 1 9.85 6.59 0.74
N VAL D 2 10.98 7.86 -0.73
CA VAL D 2 10.87 6.89 -1.82
C VAL D 2 11.71 5.67 -1.46
N GLN D 3 11.06 4.52 -1.29
CA GLN D 3 11.75 3.33 -0.83
C GLN D 3 11.08 2.09 -1.40
N LEU D 4 11.88 1.22 -2.00
CA LEU D 4 11.43 -0.06 -2.54
C LEU D 4 11.99 -1.19 -1.69
N VAL D 5 11.12 -1.98 -1.10
CA VAL D 5 11.50 -3.10 -0.25
C VAL D 5 11.08 -4.39 -0.94
N GLN D 6 12.03 -5.29 -1.13
CA GLN D 6 11.82 -6.58 -1.77
C GLN D 6 11.85 -7.69 -0.71
N SER D 7 11.64 -8.91 -1.16
CA SER D 7 11.63 -10.05 -0.25
C SER D 7 13.07 -10.39 0.15
N GLY D 8 13.18 -11.39 1.04
CA GLY D 8 14.49 -11.84 1.47
C GLY D 8 15.08 -12.87 0.53
N ALA D 9 16.33 -13.22 0.82
CA ALA D 9 17.02 -14.22 0.02
C ALA D 9 16.38 -15.60 0.21
N GLU D 10 16.57 -16.47 -0.77
CA GLU D 10 15.96 -17.78 -0.75
C GLU D 10 16.82 -18.76 -1.53
N VAL D 11 16.76 -20.02 -1.11
CA VAL D 11 17.47 -21.12 -1.78
C VAL D 11 16.45 -22.09 -2.34
N LYS D 12 16.68 -22.55 -3.57
CA LYS D 12 15.78 -23.50 -4.22
C LYS D 12 16.61 -24.45 -5.06
N LYS D 13 16.01 -25.61 -5.34
CA LYS D 13 16.63 -26.58 -6.22
C LYS D 13 16.24 -26.30 -7.67
N PRO D 14 17.07 -26.69 -8.63
CA PRO D 14 16.73 -26.43 -10.04
C PRO D 14 15.48 -27.19 -10.44
N GLY D 15 14.63 -26.52 -11.25
CA GLY D 15 13.32 -27.02 -11.59
C GLY D 15 12.19 -26.45 -10.76
N ALA D 16 12.50 -25.76 -9.66
CA ALA D 16 11.49 -25.12 -8.85
C ALA D 16 11.22 -23.71 -9.38
N SER D 17 10.50 -22.90 -8.61
CA SER D 17 10.21 -21.53 -8.99
C SER D 17 10.29 -20.63 -7.77
N VAL D 18 10.50 -19.34 -8.02
CA VAL D 18 10.59 -18.33 -6.96
C VAL D 18 9.76 -17.12 -7.38
N LYS D 19 9.11 -16.50 -6.40
CA LYS D 19 8.33 -15.29 -6.61
C LYS D 19 8.93 -14.19 -5.73
N VAL D 20 9.42 -13.13 -6.37
CA VAL D 20 10.09 -12.05 -5.65
C VAL D 20 9.12 -10.89 -5.52
N SER D 21 8.86 -10.48 -4.29
CA SER D 21 7.99 -9.35 -4.01
C SER D 21 8.75 -8.04 -4.18
N CYS D 22 8.00 -6.94 -4.21
CA CYS D 22 8.60 -5.61 -4.16
C CYS D 22 7.54 -4.63 -3.65
N LYS D 23 7.55 -4.37 -2.35
CA LYS D 23 6.65 -3.40 -1.76
C LYS D 23 7.20 -1.98 -1.95
N ALA D 24 6.31 -1.06 -2.29
CA ALA D 24 6.68 0.32 -2.58
C ALA D 24 6.04 1.26 -1.56
N SER D 25 6.79 2.26 -1.15
CA SER D 25 6.30 3.25 -0.20
C SER D 25 6.95 4.60 -0.50
N GLY D 26 6.31 5.66 -0.04
CA GLY D 26 6.79 7.01 -0.27
C GLY D 26 6.27 7.67 -1.53
N TYR D 27 5.49 6.95 -2.34
CA TYR D 27 4.94 7.49 -3.57
C TYR D 27 3.74 6.65 -3.94
N THR D 28 3.01 7.12 -4.96
CA THR D 28 1.85 6.38 -5.46
C THR D 28 2.33 5.34 -6.46
N PHE D 29 2.09 4.07 -6.15
CA PHE D 29 2.63 2.96 -6.92
C PHE D 29 2.29 3.08 -8.40
N THR D 30 1.08 3.58 -8.69
CA THR D 30 0.50 3.60 -10.01
C THR D 30 0.98 4.79 -10.87
N ASP D 31 1.78 5.69 -10.30
CA ASP D 31 2.28 6.82 -11.05
C ASP D 31 3.53 6.52 -11.86
N TYR D 32 4.31 5.51 -11.45
CA TYR D 32 5.55 5.20 -12.14
C TYR D 32 5.50 3.80 -12.70
N ASN D 33 6.43 3.50 -13.60
CA ASN D 33 6.61 2.15 -14.11
C ASN D 33 7.69 1.44 -13.30
N MET D 34 7.61 0.11 -13.26
CA MET D 34 8.52 -0.69 -12.43
C MET D 34 9.18 -1.75 -13.30
N HIS D 35 10.49 -1.91 -13.14
CA HIS D 35 11.29 -2.84 -13.93
C HIS D 35 11.89 -3.91 -13.04
N TRP D 36 12.41 -4.96 -13.68
CA TRP D 36 13.12 -6.04 -13.03
C TRP D 36 14.40 -6.30 -13.80
N VAL D 37 15.53 -6.19 -13.11
CA VAL D 37 16.86 -6.30 -13.71
C VAL D 37 17.63 -7.33 -12.89
N ARG D 38 18.52 -8.08 -13.55
CA ARG D 38 19.23 -9.18 -12.93
C ARG D 38 20.72 -8.91 -12.82
N GLN D 39 21.32 -9.41 -11.74
CA GLN D 39 22.76 -9.32 -11.49
C GLN D 39 23.31 -10.74 -11.37
N ALA D 40 23.86 -11.26 -12.46
CA ALA D 40 24.35 -12.63 -12.53
C ALA D 40 25.82 -12.66 -12.92
N PRO D 41 26.68 -13.37 -12.16
CA PRO D 41 28.07 -13.60 -12.53
C PRO D 41 28.21 -14.73 -13.55
N GLY D 42 29.10 -14.58 -14.53
CA GLY D 42 29.89 -13.37 -14.69
C GLY D 42 29.57 -12.62 -15.97
N GLN D 43 28.35 -12.12 -16.06
CA GLN D 43 27.89 -11.39 -17.24
C GLN D 43 27.46 -9.98 -16.83
N ARG D 44 27.17 -9.16 -17.82
CA ARG D 44 26.61 -7.85 -17.54
C ARG D 44 25.20 -8.00 -17.02
N LEU D 45 24.66 -6.91 -16.46
CA LEU D 45 23.29 -6.97 -15.99
C LEU D 45 22.33 -6.91 -17.18
N GLU D 46 21.21 -7.62 -17.04
CA GLU D 46 20.28 -7.80 -18.15
C GLU D 46 18.88 -7.45 -17.69
N TRP D 47 18.17 -6.74 -18.56
CA TRP D 47 16.82 -6.26 -18.25
C TRP D 47 15.83 -7.38 -18.52
N MET D 48 15.08 -7.79 -17.49
CA MET D 48 14.23 -8.97 -17.61
C MET D 48 12.77 -8.66 -17.91
N GLY D 49 12.27 -7.47 -17.56
CA GLY D 49 10.90 -7.14 -17.90
C GLY D 49 10.42 -5.93 -17.13
N ASP D 50 9.13 -5.64 -17.31
CA ASP D 50 8.49 -4.50 -16.66
C ASP D 50 7.00 -4.77 -16.51
N ILE D 51 6.36 -3.96 -15.68
CA ILE D 51 4.92 -4.00 -15.50
C ILE D 51 4.44 -2.61 -15.11
N TYR D 52 3.36 -2.14 -15.75
CA TYR D 52 2.84 -0.81 -15.50
C TYR D 52 1.66 -0.89 -14.54
N PRO D 53 1.78 -0.40 -13.31
CA PRO D 53 0.73 -0.65 -12.30
C PRO D 53 -0.61 0.01 -12.60
N TYR D 54 -0.69 0.95 -13.56
CA TYR D 54 -1.98 1.57 -13.85
C TYR D 54 -2.88 0.63 -14.62
N ASN D 55 -2.43 0.20 -15.81
CA ASN D 55 -3.22 -0.69 -16.65
C ASN D 55 -2.89 -2.17 -16.44
N GLY D 56 -1.70 -2.48 -15.94
CA GLY D 56 -1.26 -3.85 -15.83
C GLY D 56 -0.51 -4.39 -17.03
N GLY D 57 -0.22 -3.56 -18.03
CA GLY D 57 0.52 -4.02 -19.17
C GLY D 57 1.93 -4.44 -18.82
N THR D 58 2.48 -5.37 -19.60
CA THR D 58 3.80 -5.94 -19.34
C THR D 58 4.61 -6.00 -20.63
N GLY D 59 5.92 -6.13 -20.45
CA GLY D 59 6.84 -6.36 -21.53
C GLY D 59 8.04 -7.15 -21.03
N TYR D 60 8.37 -8.25 -21.71
CA TYR D 60 9.35 -9.19 -21.18
C TYR D 60 10.56 -9.28 -22.09
N ASN D 61 11.65 -9.81 -21.52
CA ASN D 61 12.86 -10.14 -22.27
C ASN D 61 12.74 -11.57 -22.77
N GLN D 62 12.82 -11.74 -24.10
CA GLN D 62 12.57 -13.04 -24.72
C GLN D 62 13.67 -14.05 -24.51
N LYS D 63 14.74 -13.73 -23.77
CA LYS D 63 15.62 -14.79 -23.29
C LYS D 63 14.92 -15.61 -22.20
N PHE D 64 13.98 -15.00 -21.47
CA PHE D 64 13.19 -15.71 -20.48
C PHE D 64 11.80 -16.06 -21.01
N LYS D 65 11.68 -16.32 -22.31
CA LYS D 65 10.38 -16.54 -22.93
C LYS D 65 9.73 -17.80 -22.38
N GLY D 66 8.56 -17.66 -21.78
CA GLY D 66 7.81 -18.80 -21.29
C GLY D 66 8.13 -19.21 -19.87
N ARG D 67 8.94 -18.44 -19.15
CA ARG D 67 9.35 -18.83 -17.80
C ARG D 67 9.37 -17.71 -16.77
N VAL D 68 9.19 -16.44 -17.16
CA VAL D 68 9.03 -15.35 -16.21
C VAL D 68 7.58 -14.88 -16.24
N THR D 69 7.07 -14.51 -15.07
CA THR D 69 5.73 -13.94 -14.93
C THR D 69 5.82 -12.82 -13.91
N ILE D 70 5.61 -11.59 -14.36
CA ILE D 70 5.67 -10.42 -13.50
C ILE D 70 4.24 -10.07 -13.07
N THR D 71 4.02 -10.05 -11.75
CA THR D 71 2.70 -9.78 -11.19
C THR D 71 2.78 -8.53 -10.34
N ARG D 72 1.62 -7.95 -10.04
CA ARG D 72 1.56 -6.74 -9.23
C ARG D 72 0.19 -6.65 -8.59
N ASP D 73 0.14 -5.95 -7.46
CA ASP D 73 -1.10 -5.71 -6.72
C ASP D 73 -1.06 -4.30 -6.14
N THR D 74 -1.95 -3.43 -6.63
CA THR D 74 -2.00 -2.06 -6.14
C THR D 74 -2.78 -1.92 -4.85
N SER D 75 -3.70 -2.84 -4.56
CA SER D 75 -4.33 -2.84 -3.25
C SER D 75 -3.28 -2.91 -2.13
N ALA D 76 -2.14 -3.57 -2.38
CA ALA D 76 -1.07 -3.70 -1.39
C ALA D 76 0.21 -2.95 -1.78
N SER D 77 0.18 -2.21 -2.89
CA SER D 77 1.32 -1.42 -3.39
C SER D 77 2.58 -2.28 -3.58
N THR D 78 2.39 -3.50 -4.10
CA THR D 78 3.45 -4.49 -4.22
C THR D 78 3.48 -5.11 -5.62
N ALA D 79 4.67 -5.15 -6.22
CA ALA D 79 4.94 -5.82 -7.48
C ALA D 79 5.65 -7.14 -7.23
N TYR D 80 5.47 -8.09 -8.14
CA TYR D 80 6.02 -9.43 -8.02
C TYR D 80 6.75 -9.81 -9.29
N MET D 81 7.66 -10.77 -9.16
CA MET D 81 8.39 -11.32 -10.29
C MET D 81 8.54 -12.81 -10.05
N GLU D 82 7.92 -13.62 -10.90
CA GLU D 82 7.95 -15.07 -10.74
C GLU D 82 8.70 -15.68 -11.91
N LEU D 83 9.70 -16.52 -11.59
CA LEU D 83 10.55 -17.16 -12.58
C LEU D 83 10.58 -18.65 -12.31
N SER D 84 10.05 -19.45 -13.23
CA SER D 84 9.90 -20.89 -13.05
C SER D 84 10.96 -21.66 -13.84
N SER D 85 11.10 -22.94 -13.48
CA SER D 85 12.09 -23.83 -14.07
C SER D 85 13.49 -23.22 -14.00
N LEU D 86 14.09 -23.27 -12.82
CA LEU D 86 15.36 -22.61 -12.56
C LEU D 86 16.53 -23.56 -12.79
N ARG D 87 17.69 -22.96 -13.03
CA ARG D 87 18.95 -23.68 -13.04
C ARG D 87 20.00 -22.80 -12.36
N SER D 88 21.18 -23.38 -12.15
CA SER D 88 22.24 -22.64 -11.49
C SER D 88 22.79 -21.51 -12.34
N GLU D 89 22.34 -21.39 -13.60
CA GLU D 89 22.76 -20.29 -14.46
C GLU D 89 22.04 -18.99 -14.09
N ASP D 90 20.85 -19.09 -13.52
CA ASP D 90 20.06 -17.91 -13.20
C ASP D 90 20.31 -17.40 -11.79
N THR D 91 21.18 -18.06 -11.03
CA THR D 91 21.46 -17.64 -9.66
C THR D 91 22.06 -16.25 -9.69
N ALA D 92 21.38 -15.29 -9.06
CA ALA D 92 21.67 -13.89 -9.34
C ALA D 92 20.99 -13.00 -8.32
N VAL D 93 21.36 -11.72 -8.38
CA VAL D 93 20.76 -10.66 -7.56
C VAL D 93 19.70 -9.96 -8.41
N TYR D 94 18.43 -10.08 -8.03
CA TYR D 94 17.35 -9.46 -8.79
C TYR D 94 16.95 -8.14 -8.15
N TYR D 95 16.92 -7.09 -8.99
CA TYR D 95 16.56 -5.74 -8.58
C TYR D 95 15.14 -5.42 -9.03
N CYS D 96 14.29 -5.06 -8.08
CA CYS D 96 13.06 -4.37 -8.43
C CYS D 96 13.39 -2.89 -8.58
N ALA D 97 12.96 -2.30 -9.70
CA ALA D 97 13.45 -0.98 -10.07
C ALA D 97 12.29 -0.11 -10.51
N ARG D 98 12.10 1.00 -9.82
CA ARG D 98 11.10 2.00 -10.18
C ARG D 98 11.63 2.93 -11.26
N GLY D 99 10.73 3.33 -12.16
CA GLY D 99 11.11 4.37 -13.10
C GLY D 99 10.08 4.73 -14.16
N GLY D 100 10.57 5.24 -15.27
CA GLY D 100 9.79 5.62 -16.42
C GLY D 100 9.74 4.54 -17.48
N TRP D 101 9.54 4.95 -18.73
CA TRP D 101 9.46 3.97 -19.81
C TRP D 101 10.81 3.35 -20.13
N HIS D 102 11.88 4.12 -19.98
CA HIS D 102 13.17 3.69 -20.52
C HIS D 102 14.33 3.90 -19.56
N ALA D 103 14.05 4.03 -18.26
CA ALA D 103 15.11 4.16 -17.29
C ALA D 103 14.53 3.92 -15.90
N MET D 104 15.39 3.48 -15.00
CA MET D 104 15.03 3.29 -13.61
C MET D 104 15.70 4.35 -12.75
N ASP D 105 14.94 4.94 -11.84
CA ASP D 105 15.42 6.06 -11.04
C ASP D 105 15.51 5.76 -9.55
N SER D 106 14.99 4.63 -9.10
CA SER D 106 15.08 4.22 -7.70
C SER D 106 15.00 2.71 -7.64
N TRP D 107 15.80 2.12 -6.76
CA TRP D 107 15.98 0.67 -6.70
C TRP D 107 15.79 0.16 -5.29
N GLY D 108 15.61 -1.17 -5.18
CA GLY D 108 15.50 -1.82 -3.91
C GLY D 108 16.84 -2.36 -3.43
N GLN D 109 16.80 -2.99 -2.26
CA GLN D 109 17.98 -3.68 -1.72
C GLN D 109 18.58 -4.63 -2.74
N GLY D 110 17.76 -5.56 -3.26
CA GLY D 110 18.27 -6.65 -4.08
C GLY D 110 17.98 -7.99 -3.43
N THR D 111 17.58 -8.98 -4.23
CA THR D 111 17.21 -10.29 -3.74
C THR D 111 18.12 -11.34 -4.36
N LEU D 112 18.86 -12.04 -3.50
CA LEU D 112 19.78 -13.09 -3.92
C LEU D 112 19.06 -14.44 -3.77
N VAL D 113 18.76 -15.08 -4.89
CA VAL D 113 18.24 -16.44 -4.88
C VAL D 113 19.34 -17.36 -5.38
N THR D 114 19.63 -18.41 -4.60
CA THR D 114 20.67 -19.37 -4.93
C THR D 114 20.04 -20.67 -5.39
N VAL D 115 20.35 -21.09 -6.61
CA VAL D 115 19.87 -22.37 -7.11
C VAL D 115 20.93 -23.42 -6.85
N SER D 116 20.59 -24.40 -6.03
CA SER D 116 21.50 -25.49 -5.71
C SER D 116 20.69 -26.66 -5.19
N SER D 117 21.26 -27.86 -5.32
CA SER D 117 20.66 -29.06 -4.78
C SER D 117 21.30 -29.50 -3.47
N ALA D 118 22.22 -28.70 -2.93
CA ALA D 118 22.83 -28.97 -1.64
C ALA D 118 21.89 -28.53 -0.52
N SER D 119 22.13 -29.08 0.67
CA SER D 119 21.30 -28.81 1.82
C SER D 119 21.66 -27.47 2.45
N THR D 120 20.63 -26.77 2.95
CA THR D 120 20.82 -25.50 3.63
C THR D 120 21.32 -25.71 5.05
N LYS D 121 22.30 -24.90 5.45
CA LYS D 121 22.92 -25.04 6.77
C LYS D 121 22.89 -23.71 7.50
N GLY D 122 22.49 -23.75 8.77
CA GLY D 122 22.39 -22.57 9.59
C GLY D 122 23.73 -22.09 10.15
N PRO D 123 23.95 -20.77 10.13
CA PRO D 123 25.17 -20.22 10.71
C PRO D 123 25.35 -20.54 12.18
N SER D 124 26.61 -20.66 12.59
CA SER D 124 27.02 -20.55 13.99
C SER D 124 28.04 -19.43 14.11
N VAL D 125 27.92 -18.61 15.15
CA VAL D 125 28.73 -17.41 15.30
C VAL D 125 29.59 -17.54 16.56
N PHE D 126 30.77 -16.94 16.52
CA PHE D 126 31.73 -17.05 17.62
C PHE D 126 32.35 -15.68 17.90
N PRO D 127 32.43 -15.29 19.17
CA PRO D 127 33.10 -14.03 19.54
C PRO D 127 34.54 -13.97 19.04
N LEU D 128 34.93 -12.80 18.56
CA LEU D 128 36.34 -12.44 18.39
C LEU D 128 36.62 -11.40 19.47
N ALA D 129 37.00 -11.87 20.65
CA ALA D 129 37.08 -10.99 21.81
C ALA D 129 38.25 -10.03 21.67
N PRO D 130 38.09 -8.78 22.09
CA PRO D 130 39.21 -7.84 22.09
C PRO D 130 40.20 -8.18 23.20
N SER D 131 41.44 -7.74 22.99
CA SER D 131 42.56 -8.26 23.75
C SER D 131 43.61 -7.19 23.95
N SER D 132 44.56 -7.48 24.83
CA SER D 132 45.83 -6.75 24.83
C SER D 132 46.48 -6.76 23.46
N LYS D 133 46.35 -7.87 22.73
CA LYS D 133 46.95 -8.04 21.41
C LYS D 133 46.10 -7.43 20.30
N SER D 134 44.90 -6.93 20.61
CA SER D 134 44.03 -6.35 19.61
C SER D 134 43.77 -4.87 19.91
N THR D 135 44.71 -4.21 20.57
CA THR D 135 44.62 -2.80 20.89
C THR D 135 45.81 -2.07 20.28
N SER D 136 45.56 -0.89 19.71
CA SER D 136 46.60 -0.11 19.05
C SER D 136 46.37 1.36 19.39
N GLY D 137 47.15 1.86 20.35
CA GLY D 137 47.14 3.28 20.70
C GLY D 137 45.80 3.78 21.20
N GLY D 138 45.26 3.16 22.25
CA GLY D 138 43.97 3.53 22.78
C GLY D 138 42.79 3.00 21.99
N THR D 139 43.00 2.56 20.76
CA THR D 139 41.96 2.02 19.91
C THR D 139 41.95 0.50 19.99
N ALA D 140 40.75 -0.07 20.04
CA ALA D 140 40.57 -1.52 20.18
C ALA D 140 39.72 -2.07 19.04
N ALA D 141 40.00 -3.32 18.68
CA ALA D 141 39.28 -4.01 17.62
C ALA D 141 38.60 -5.25 18.18
N LEU D 142 37.36 -5.47 17.75
CA LEU D 142 36.58 -6.62 18.18
C LEU D 142 35.59 -6.96 17.08
N GLY D 143 34.98 -8.13 17.19
CA GLY D 143 33.98 -8.52 16.21
C GLY D 143 33.51 -9.95 16.42
N CYS D 144 32.72 -10.41 15.45
CA CYS D 144 32.24 -11.78 15.37
C CYS D 144 32.70 -12.41 14.07
N LEU D 145 32.70 -13.75 14.06
CA LEU D 145 32.99 -14.50 12.86
C LEU D 145 31.92 -15.56 12.68
N VAL D 146 31.27 -15.56 11.52
CA VAL D 146 30.21 -16.50 11.21
C VAL D 146 30.78 -17.56 10.28
N LYS D 147 30.46 -18.83 10.55
CA LYS D 147 31.19 -19.90 9.90
C LYS D 147 30.28 -21.10 9.67
N ASP D 148 30.53 -21.80 8.56
CA ASP D 148 29.80 -23.01 8.16
C ASP D 148 28.31 -22.69 7.99
N TYR D 149 28.05 -21.98 6.90
CA TYR D 149 26.68 -21.68 6.49
C TYR D 149 26.58 -21.82 4.98
N PHE D 150 25.42 -22.26 4.52
CA PHE D 150 25.13 -22.32 3.11
C PHE D 150 23.61 -22.31 2.99
N PRO D 151 23.06 -21.55 2.05
CA PRO D 151 23.79 -20.69 1.14
C PRO D 151 24.21 -19.43 1.78
N GLU D 152 24.54 -18.60 0.82
CA GLU D 152 24.74 -17.18 0.94
C GLU D 152 23.40 -16.41 0.69
N PRO D 153 23.24 -15.16 1.21
CA PRO D 153 23.94 -14.19 2.09
C PRO D 153 23.85 -14.38 3.63
N VAL D 154 24.76 -13.71 4.33
CA VAL D 154 24.61 -13.36 5.74
C VAL D 154 24.59 -11.84 5.85
N THR D 155 23.66 -11.32 6.65
CA THR D 155 23.60 -9.89 6.95
C THR D 155 24.02 -9.72 8.41
N VAL D 156 25.00 -8.85 8.65
CA VAL D 156 25.49 -8.61 10.00
C VAL D 156 25.43 -7.11 10.27
N SER D 157 24.58 -6.72 11.22
CA SER D 157 24.48 -5.37 11.74
C SER D 157 24.91 -5.41 13.20
N TRP D 158 25.44 -4.29 13.70
CA TRP D 158 25.95 -4.24 15.06
C TRP D 158 25.07 -3.35 15.93
N ASN D 159 24.71 -3.87 17.10
CA ASN D 159 23.72 -3.23 17.98
C ASN D 159 22.47 -2.86 17.17
N SER D 160 22.00 -3.83 16.39
CA SER D 160 20.91 -3.69 15.43
C SER D 160 20.84 -2.29 14.81
N GLY D 161 21.96 -1.84 14.23
CA GLY D 161 21.98 -0.62 13.43
C GLY D 161 22.40 0.63 14.18
N ALA D 162 22.58 0.56 15.49
CA ALA D 162 22.96 1.75 16.25
C ALA D 162 24.46 2.02 16.22
N LEU D 163 25.28 1.10 15.70
CA LEU D 163 26.72 1.27 15.60
C LEU D 163 27.14 0.96 14.17
N THR D 164 27.51 2.00 13.43
CA THR D 164 27.95 1.85 12.05
C THR D 164 29.29 2.48 11.73
N SER D 165 29.84 3.32 12.62
CA SER D 165 31.13 3.95 12.35
C SER D 165 32.25 2.95 12.64
N GLY D 166 33.06 2.66 11.62
CA GLY D 166 34.17 1.75 11.76
C GLY D 166 33.85 0.28 11.58
N VAL D 167 32.64 -0.07 11.15
CA VAL D 167 32.29 -1.46 10.92
C VAL D 167 32.89 -1.92 9.59
N HIS D 168 33.57 -3.05 9.60
CA HIS D 168 34.13 -3.66 8.39
C HIS D 168 33.65 -5.10 8.29
N THR D 169 32.68 -5.33 7.41
CA THR D 169 32.20 -6.67 7.11
C THR D 169 32.81 -7.11 5.78
N PHE D 170 33.51 -8.22 5.79
CA PHE D 170 34.30 -8.70 4.67
C PHE D 170 33.43 -9.48 3.70
N PRO D 171 33.90 -9.71 2.49
CA PRO D 171 33.20 -10.64 1.60
C PRO D 171 33.46 -12.07 2.03
N ALA D 172 32.45 -12.93 1.83
CA ALA D 172 32.55 -14.30 2.32
C ALA D 172 33.49 -15.12 1.47
N VAL D 173 34.26 -15.98 2.11
CA VAL D 173 35.08 -16.95 1.42
C VAL D 173 34.39 -18.32 1.54
N LEU D 174 34.63 -19.20 0.56
CA LEU D 174 34.06 -20.54 0.53
C LEU D 174 35.15 -21.55 0.85
N GLN D 175 34.81 -22.51 1.69
CA GLN D 175 35.75 -23.49 2.19
C GLN D 175 35.71 -24.75 1.35
N SER D 176 36.58 -25.70 1.69
CA SER D 176 36.69 -26.94 0.94
C SER D 176 35.41 -27.78 1.06
N SER D 177 34.75 -27.73 2.20
CA SER D 177 33.53 -28.50 2.41
C SER D 177 32.30 -27.87 1.76
N GLY D 178 32.46 -26.73 1.08
CA GLY D 178 31.41 -26.12 0.30
C GLY D 178 30.60 -25.05 1.01
N LEU D 179 30.92 -24.73 2.26
CA LEU D 179 30.19 -23.74 3.05
C LEU D 179 30.99 -22.45 3.18
N TYR D 180 30.31 -21.39 3.60
CA TYR D 180 30.92 -20.06 3.64
C TYR D 180 31.37 -19.74 5.06
N SER D 181 32.17 -18.67 5.17
CA SER D 181 32.73 -18.22 6.43
C SER D 181 32.95 -16.72 6.30
N LEU D 182 32.45 -15.96 7.27
CA LEU D 182 32.59 -14.51 7.22
C LEU D 182 32.91 -13.97 8.59
N SER D 183 33.62 -12.84 8.60
CA SER D 183 34.04 -12.16 9.82
C SER D 183 33.56 -10.71 9.77
N SER D 184 32.92 -10.27 10.84
CA SER D 184 32.46 -8.89 10.97
C SER D 184 33.27 -8.23 12.10
N VAL D 185 33.91 -7.10 11.79
CA VAL D 185 34.76 -6.42 12.76
C VAL D 185 34.37 -4.95 12.84
N VAL D 186 34.58 -4.37 14.02
CA VAL D 186 34.35 -2.96 14.28
C VAL D 186 35.46 -2.45 15.20
N THR D 187 35.76 -1.16 15.08
CA THR D 187 36.83 -0.53 15.83
C THR D 187 36.23 0.46 16.82
N VAL D 188 36.62 0.34 18.10
CA VAL D 188 36.02 1.10 19.18
C VAL D 188 37.12 1.62 20.10
N PRO D 189 36.81 2.58 20.97
CA PRO D 189 37.81 2.99 21.98
C PRO D 189 38.06 1.91 23.01
N SER D 190 39.35 1.72 23.37
CA SER D 190 39.69 0.70 24.37
C SER D 190 39.46 1.22 25.77
N SER D 191 39.35 2.54 25.94
CA SER D 191 39.03 3.10 27.25
C SER D 191 37.68 2.60 27.75
N SER D 192 36.72 2.45 26.84
CA SER D 192 35.33 2.23 27.19
C SER D 192 34.85 0.83 26.84
N LEU D 193 35.72 -0.18 26.98
CA LEU D 193 35.34 -1.55 26.68
C LEU D 193 34.55 -2.21 27.80
N GLY D 194 34.55 -1.64 28.99
CA GLY D 194 33.80 -2.17 30.12
C GLY D 194 32.51 -1.44 30.35
N THR D 195 32.35 -0.31 29.68
CA THR D 195 31.19 0.56 29.81
C THR D 195 30.16 0.30 28.72
N GLN D 196 30.62 0.02 27.51
CA GLN D 196 29.79 -0.23 26.34
C GLN D 196 29.67 -1.73 26.11
N THR D 197 28.62 -2.13 25.41
CA THR D 197 28.48 -3.51 24.99
C THR D 197 28.09 -3.54 23.52
N TYR D 198 28.70 -4.46 22.77
CA TYR D 198 28.59 -4.52 21.32
C TYR D 198 27.93 -5.83 20.91
N ILE D 199 26.83 -5.73 20.19
CA ILE D 199 26.05 -6.89 19.79
C ILE D 199 26.08 -6.98 18.27
N CYS D 200 26.66 -8.07 17.75
CA CYS D 200 26.54 -8.40 16.35
C CYS D 200 25.24 -9.18 16.17
N ASN D 201 24.48 -8.79 15.17
CA ASN D 201 23.20 -9.40 14.84
C ASN D 201 23.32 -10.03 13.45
N VAL D 202 23.25 -11.35 13.38
CA VAL D 202 23.48 -12.09 12.14
C VAL D 202 22.17 -12.72 11.72
N ASN D 203 21.74 -12.43 10.49
CA ASN D 203 20.50 -12.94 9.95
C ASN D 203 20.85 -13.60 8.62
N HIS D 204 20.55 -14.89 8.51
CA HIS D 204 20.78 -15.68 7.30
C HIS D 204 19.44 -16.34 6.98
N LYS D 205 18.69 -15.75 6.00
CA LYS D 205 17.30 -16.03 5.66
C LYS D 205 16.93 -17.37 5.08
N PRO D 206 17.74 -17.89 4.17
CA PRO D 206 17.40 -19.21 3.58
C PRO D 206 17.08 -20.32 4.62
N SER D 207 17.76 -20.33 5.77
CA SER D 207 17.48 -21.23 6.89
C SER D 207 16.72 -20.55 8.02
N ASN D 208 16.43 -19.25 7.89
CA ASN D 208 15.65 -18.50 8.90
C ASN D 208 16.33 -18.58 10.26
N THR D 209 17.62 -18.25 10.30
CA THR D 209 18.41 -18.35 11.53
C THR D 209 18.62 -16.99 12.18
N LYS D 210 18.33 -16.91 13.48
CA LYS D 210 18.37 -15.66 14.25
C LYS D 210 19.34 -15.84 15.42
N VAL D 211 20.56 -15.36 15.31
CA VAL D 211 21.50 -15.44 16.43
C VAL D 211 22.09 -14.07 16.73
N ASP D 212 22.22 -13.79 18.03
CA ASP D 212 22.80 -12.57 18.56
C ASP D 212 23.84 -12.93 19.60
N LYS D 213 25.07 -12.47 19.41
CA LYS D 213 26.19 -12.83 20.27
C LYS D 213 26.85 -11.54 20.73
N LYS D 214 26.93 -11.36 22.04
CA LYS D 214 27.62 -10.21 22.61
C LYS D 214 29.07 -10.58 22.89
N VAL D 215 29.98 -9.75 22.39
CA VAL D 215 31.41 -9.98 22.55
C VAL D 215 31.92 -9.08 23.66
N GLU D 216 32.55 -9.69 24.67
CA GLU D 216 33.09 -9.03 25.84
C GLU D 216 34.54 -9.44 26.02
N PRO D 217 35.43 -8.52 26.43
CA PRO D 217 36.84 -8.87 26.67
C PRO D 217 37.03 -9.99 27.68
N PCA E 1 5.11 7.74 -18.43
CA PCA E 1 4.07 7.41 -17.48
CB PCA E 1 4.60 6.54 -16.33
CG PCA E 1 6.10 6.43 -16.54
CD PCA E 1 6.31 7.13 -17.85
OE PCA E 1 7.42 7.19 -18.38
C PCA E 1 3.35 8.62 -16.88
O PCA E 1 2.93 8.58 -15.72
N LEU E 2 3.24 9.69 -17.67
CA LEU E 2 2.41 10.82 -17.26
C LEU E 2 1.01 10.58 -17.79
N LEU E 3 0.01 10.90 -16.98
CA LEU E 3 -1.39 10.75 -17.36
C LEU E 3 -2.05 12.12 -17.37
N PHE E 4 -3.07 12.27 -18.20
CA PHE E 4 -3.63 13.57 -18.50
C PHE E 4 -5.14 13.56 -18.32
N ASN E 5 -5.70 14.75 -18.15
CA ASN E 5 -7.14 14.97 -18.21
C ASN E 5 -7.46 15.40 -19.64
N LYS E 6 -7.98 14.47 -20.43
CA LYS E 6 -8.11 14.66 -21.86
C LYS E 6 -9.13 15.75 -22.19
N THR E 7 -8.99 16.29 -23.39
CA THR E 7 -9.92 17.28 -23.93
C THR E 7 -9.88 17.13 -25.44
N LYS E 8 -10.94 16.56 -26.02
CA LYS E 8 -10.89 16.11 -27.40
C LYS E 8 -10.76 17.29 -28.37
N SER E 9 -11.50 18.37 -28.14
CA SER E 9 -11.47 19.48 -29.06
C SER E 9 -11.69 20.79 -28.31
N VAL E 10 -11.24 21.87 -28.94
CA VAL E 10 -11.43 23.24 -28.46
C VAL E 10 -11.90 24.07 -29.64
N GLU E 11 -12.71 25.09 -29.36
CA GLU E 11 -13.38 25.84 -30.41
C GLU E 11 -12.74 27.21 -30.56
N PHE E 12 -12.69 27.66 -31.81
CA PHE E 12 -12.06 28.92 -32.19
C PHE E 12 -12.94 29.67 -33.19
N THR E 13 -12.78 31.00 -33.20
CA THR E 13 -13.45 31.87 -34.15
C THR E 13 -12.55 33.09 -34.37
N PHE E 14 -13.09 34.13 -35.01
CA PHE E 14 -12.31 35.36 -35.16
C PHE E 14 -12.46 36.32 -33.98
N GLY E 15 -13.44 36.10 -33.10
CA GLY E 15 -13.54 36.91 -31.89
C GLY E 15 -12.45 36.63 -30.87
N ASN E 16 -11.96 35.40 -30.81
CA ASN E 16 -10.89 35.04 -29.90
C ASN E 16 -9.62 35.82 -30.21
N ASP E 17 -9.32 36.85 -29.40
CA ASP E 17 -8.13 37.65 -29.67
C ASP E 17 -6.85 36.85 -29.47
N THR E 18 -6.84 35.87 -28.57
CA THR E 18 -5.78 34.88 -28.47
C THR E 18 -6.39 33.53 -28.10
N VAL E 19 -5.56 32.51 -28.22
CA VAL E 19 -5.96 31.12 -28.19
C VAL E 19 -5.20 30.39 -27.08
N VAL E 20 -5.84 29.36 -26.51
CA VAL E 20 -5.20 28.48 -25.53
C VAL E 20 -5.48 27.04 -25.92
N ILE E 21 -4.43 26.21 -25.94
CA ILE E 21 -4.56 24.78 -26.21
C ILE E 21 -4.30 24.01 -24.93
N PRO E 22 -5.33 23.56 -24.21
CA PRO E 22 -5.14 23.01 -22.87
C PRO E 22 -4.30 21.75 -22.86
N CYS E 23 -3.49 21.62 -21.80
CA CYS E 23 -2.74 20.40 -21.53
C CYS E 23 -2.40 20.34 -20.05
N PHE E 24 -3.07 19.45 -19.31
CA PHE E 24 -2.87 19.28 -17.89
C PHE E 24 -2.50 17.84 -17.59
N VAL E 25 -1.55 17.64 -16.68
CA VAL E 25 -1.05 16.32 -16.30
C VAL E 25 -1.56 16.02 -14.90
N THR E 26 -2.08 14.81 -14.70
CA THR E 26 -2.78 14.47 -13.47
C THR E 26 -1.83 14.06 -12.34
N ASN E 27 -0.58 13.72 -12.66
CA ASN E 27 0.32 13.12 -11.68
C ASN E 27 1.70 13.74 -11.67
N MET E 28 1.84 14.99 -12.12
CA MET E 28 3.14 15.63 -12.10
C MET E 28 3.51 16.01 -10.67
N GLU E 29 4.65 15.50 -10.21
CA GLU E 29 5.12 15.69 -8.83
C GLU E 29 6.31 16.64 -8.76
N ALA E 30 6.57 17.40 -9.82
CA ALA E 30 7.77 18.23 -9.90
C ALA E 30 7.78 19.31 -8.83
N GLN E 31 8.96 19.53 -8.24
CA GLN E 31 9.09 20.55 -7.20
C GLN E 31 9.60 21.88 -7.75
N ASN E 32 10.19 21.90 -8.94
CA ASN E 32 10.75 23.10 -9.53
C ASN E 32 10.71 22.96 -11.05
N THR E 33 10.94 24.08 -11.74
CA THR E 33 10.97 24.00 -13.20
C THR E 33 12.19 23.24 -13.71
N THR E 34 13.18 23.00 -12.85
CA THR E 34 14.38 22.26 -13.25
C THR E 34 14.04 20.86 -13.76
N GLU E 35 12.97 20.25 -13.24
CA GLU E 35 12.64 18.87 -13.58
C GLU E 35 11.77 18.71 -14.81
N VAL E 36 11.13 19.79 -15.27
CA VAL E 36 10.08 19.70 -16.30
C VAL E 36 10.66 20.06 -17.66
N TYR E 37 10.20 19.35 -18.69
CA TYR E 37 10.53 19.65 -20.08
C TYR E 37 9.27 19.49 -20.92
N VAL E 38 8.80 20.57 -21.51
CA VAL E 38 7.59 20.58 -22.32
C VAL E 38 7.95 20.80 -23.78
N LYS E 39 7.19 20.15 -24.66
CA LYS E 39 7.39 20.28 -26.10
C LYS E 39 6.06 20.12 -26.81
N TRP E 40 5.62 21.18 -27.47
CA TRP E 40 4.40 21.16 -28.27
C TRP E 40 4.77 21.01 -29.74
N LYS E 41 4.01 20.22 -30.47
CA LYS E 41 4.22 20.11 -31.91
C LYS E 41 2.89 19.94 -32.63
N PHE E 42 2.92 20.23 -33.93
CA PHE E 42 1.73 20.40 -34.74
C PHE E 42 2.00 19.81 -36.12
N LYS E 43 1.46 18.61 -36.36
CA LYS E 43 1.56 17.89 -37.64
C LYS E 43 2.99 17.60 -38.06
N GLY E 44 3.91 17.55 -37.11
CA GLY E 44 5.28 17.19 -37.43
C GLY E 44 6.32 17.95 -36.65
N ARG E 45 6.27 19.27 -36.76
CA ARG E 45 7.35 20.14 -36.34
C ARG E 45 7.21 20.59 -34.90
N ASP E 46 8.33 20.60 -34.18
CA ASP E 46 8.38 21.07 -32.80
C ASP E 46 8.06 22.56 -32.79
N ILE E 47 6.81 22.88 -32.49
CA ILE E 47 6.34 24.26 -32.44
C ILE E 47 6.96 25.04 -31.27
N TYR E 48 7.23 24.37 -30.16
CA TYR E 48 7.60 25.07 -28.95
C TYR E 48 8.43 24.12 -28.10
N THR E 49 9.60 24.59 -27.68
CA THR E 49 10.45 23.81 -26.79
C THR E 49 10.80 24.69 -25.59
N PHE E 50 10.68 24.14 -24.40
CA PHE E 50 11.04 24.83 -23.17
C PHE E 50 11.87 23.86 -22.33
N ASP E 51 13.17 24.09 -22.26
CA ASP E 51 14.08 23.25 -21.49
C ASP E 51 14.17 23.80 -20.07
N GLY E 52 13.51 23.14 -19.13
CA GLY E 52 13.47 23.62 -17.76
C GLY E 52 14.84 23.70 -17.10
N ALA E 53 15.81 22.93 -17.59
CA ALA E 53 17.16 23.01 -17.02
C ALA E 53 17.85 24.32 -17.39
N LEU E 54 17.47 24.93 -18.51
CA LEU E 54 18.02 26.20 -18.92
C LEU E 54 17.01 27.33 -19.00
N ASN E 55 15.71 27.02 -18.88
CA ASN E 55 14.62 27.99 -19.04
C ASN E 55 14.81 28.82 -20.30
N LYS E 56 14.85 28.12 -21.43
CA LYS E 56 15.01 28.75 -22.74
C LYS E 56 13.83 28.33 -23.62
N SER E 57 12.93 29.27 -23.88
CA SER E 57 11.82 29.02 -24.79
C SER E 57 12.26 29.34 -26.22
N THR E 58 12.07 28.38 -27.12
CA THR E 58 12.40 28.53 -28.53
C THR E 58 11.15 28.27 -29.35
N VAL E 59 10.87 29.18 -30.29
CA VAL E 59 9.67 29.10 -31.12
C VAL E 59 10.05 29.45 -32.55
N PRO E 60 9.65 28.65 -33.55
CA PRO E 60 9.89 29.02 -34.95
C PRO E 60 9.39 30.41 -35.30
N THR E 61 9.84 30.93 -36.45
CA THR E 61 9.41 32.25 -36.90
C THR E 61 7.91 32.31 -37.11
N ASP E 62 7.30 31.21 -37.55
CA ASP E 62 5.87 31.19 -37.83
C ASP E 62 5.02 30.92 -36.59
N PHE E 63 5.64 30.72 -35.42
CA PHE E 63 4.92 30.71 -34.16
C PHE E 63 5.64 31.54 -33.11
N SER E 64 5.98 32.78 -33.46
CA SER E 64 6.59 33.65 -32.47
C SER E 64 5.61 34.03 -31.36
N SER E 65 4.33 33.76 -31.55
CA SER E 65 3.29 34.09 -30.59
C SER E 65 3.08 33.00 -29.55
N ALA E 66 3.59 31.80 -29.78
CA ALA E 66 3.33 30.68 -28.89
C ALA E 66 4.12 30.85 -27.60
N LYS E 67 3.46 30.55 -26.49
CA LYS E 67 4.08 30.71 -25.17
C LYS E 67 3.31 29.89 -24.16
N ILE E 68 4.02 29.51 -23.09
CA ILE E 68 3.41 28.95 -21.90
C ILE E 68 3.88 29.81 -20.74
N GLU E 69 3.19 29.67 -19.62
CA GLU E 69 3.54 30.35 -18.38
C GLU E 69 4.18 29.30 -17.49
N VAL E 70 5.44 29.56 -17.11
CA VAL E 70 6.21 28.57 -16.37
C VAL E 70 5.93 28.56 -14.87
N SER E 71 5.44 29.66 -14.30
CA SER E 71 5.20 29.68 -12.86
C SER E 71 4.09 28.73 -12.41
N GLN E 72 3.30 28.17 -13.33
CA GLN E 72 2.30 27.17 -12.97
C GLN E 72 2.46 25.87 -13.75
N LEU E 73 3.66 25.60 -14.27
CA LEU E 73 3.93 24.30 -14.86
C LEU E 73 3.96 23.22 -13.78
N LEU E 74 4.33 23.60 -12.55
CA LEU E 74 4.35 22.68 -11.44
C LEU E 74 2.94 22.25 -11.04
N LYS E 75 1.95 23.12 -11.26
CA LYS E 75 0.56 22.77 -11.02
C LYS E 75 0.02 21.79 -12.04
N GLY E 76 0.81 21.44 -13.07
CA GLY E 76 0.44 20.42 -14.02
C GLY E 76 -0.04 20.94 -15.37
N ASP E 77 -0.04 22.25 -15.60
CA ASP E 77 -0.57 22.83 -16.82
C ASP E 77 0.57 23.29 -17.73
N ALA E 78 0.53 22.81 -18.97
CA ALA E 78 1.45 23.24 -20.02
C ALA E 78 0.61 23.58 -21.26
N SER E 79 -0.24 24.58 -21.12
CA SER E 79 -1.22 24.94 -22.14
C SER E 79 -0.68 26.07 -23.00
N LEU E 80 -0.74 25.88 -24.31
CA LEU E 80 -0.16 26.83 -25.24
C LEU E 80 -1.01 28.08 -25.34
N LYS E 81 -0.34 29.23 -25.41
CA LYS E 81 -1.00 30.50 -25.63
C LYS E 81 -0.37 31.12 -26.87
N MET E 82 -1.18 31.25 -27.91
CA MET E 82 -0.80 31.57 -29.28
C MET E 82 -1.57 32.84 -29.62
N ASP E 83 -1.72 33.20 -30.88
CA ASP E 83 -2.66 34.27 -31.22
C ASP E 83 -3.38 33.93 -32.52
N LYS E 84 -4.44 34.69 -32.81
CA LYS E 84 -5.18 34.48 -34.05
C LYS E 84 -4.27 34.56 -35.27
N SER E 85 -3.20 35.35 -35.19
CA SER E 85 -2.23 35.45 -36.29
C SER E 85 -1.76 34.08 -36.75
N ASP E 86 -1.14 33.32 -35.85
CA ASP E 86 -0.67 31.96 -36.10
C ASP E 86 -1.72 30.89 -35.80
N ALA E 87 -2.95 31.30 -35.52
CA ALA E 87 -4.04 30.35 -35.37
C ALA E 87 -4.76 30.10 -36.69
N VAL E 88 -5.13 31.17 -37.40
CA VAL E 88 -5.74 31.01 -38.72
C VAL E 88 -4.80 30.25 -39.65
N SER E 89 -3.53 30.65 -39.69
CA SER E 89 -2.49 29.90 -40.38
C SER E 89 -2.57 28.39 -40.09
N HIS E 90 -2.63 28.02 -38.82
CA HIS E 90 -2.41 26.64 -38.40
C HIS E 90 -3.56 26.13 -37.55
N THR E 91 -4.41 25.28 -38.14
CA THR E 91 -5.43 24.53 -37.40
C THR E 91 -5.26 23.05 -37.74
N GLY E 92 -5.18 22.21 -36.71
CA GLY E 92 -4.93 20.80 -36.94
C GLY E 92 -4.66 20.00 -35.67
N ASN E 93 -3.77 19.02 -35.77
CA ASN E 93 -3.45 18.15 -34.64
C ASN E 93 -2.28 18.73 -33.87
N TYR E 94 -2.57 19.23 -32.67
CA TYR E 94 -1.53 19.63 -31.74
C TYR E 94 -1.41 18.56 -30.66
N THR E 95 -0.17 18.23 -30.31
CA THR E 95 0.08 17.19 -29.33
C THR E 95 1.02 17.73 -28.26
N CYS E 96 0.69 17.45 -27.00
CA CYS E 96 1.41 17.98 -25.86
C CYS E 96 2.24 16.87 -25.24
N GLU E 97 3.55 16.95 -25.39
CA GLU E 97 4.48 15.97 -24.86
C GLU E 97 5.25 16.61 -23.71
N VAL E 98 5.00 16.12 -22.50
CA VAL E 98 5.61 16.64 -21.28
C VAL E 98 6.57 15.59 -20.74
N THR E 99 7.69 16.05 -20.20
CA THR E 99 8.69 15.15 -19.62
C THR E 99 9.06 15.66 -18.24
N GLU E 100 8.97 14.78 -17.24
CA GLU E 100 9.40 15.08 -15.88
C GLU E 100 10.47 14.05 -15.52
N LEU E 101 11.73 14.49 -15.57
CA LEU E 101 12.88 13.65 -15.25
C LEU E 101 12.84 12.41 -16.14
N THR E 102 12.69 11.20 -15.58
CA THR E 102 12.80 9.98 -16.38
C THR E 102 11.49 9.60 -17.07
N ARG E 103 10.35 9.99 -16.51
CA ARG E 103 9.07 9.56 -17.07
C ARG E 103 8.57 10.53 -18.14
N GLU E 104 7.56 10.07 -18.88
CA GLU E 104 7.16 10.69 -20.14
C GLU E 104 5.74 10.31 -20.54
N GLY E 105 4.86 11.31 -20.74
CA GLY E 105 3.57 11.09 -21.35
C GLY E 105 3.29 12.10 -22.45
N GLU E 106 2.16 11.88 -23.13
CA GLU E 106 1.71 12.78 -24.19
C GLU E 106 0.22 12.59 -24.45
N THR E 107 -0.37 13.58 -25.12
CA THR E 107 -1.80 13.60 -25.42
C THR E 107 -1.98 14.30 -26.76
N ILE E 108 -3.16 14.15 -27.34
CA ILE E 108 -3.48 14.75 -28.64
C ILE E 108 -4.82 15.46 -28.57
N ILE E 109 -4.91 16.61 -29.24
CA ILE E 109 -6.10 17.45 -29.26
C ILE E 109 -6.23 18.05 -30.66
N GLU E 110 -7.45 18.39 -31.05
CA GLU E 110 -7.74 18.94 -32.36
C GLU E 110 -8.05 20.43 -32.25
N LEU E 111 -7.55 21.21 -33.21
CA LEU E 111 -7.86 22.63 -33.25
C LEU E 111 -8.99 22.91 -34.24
N PCA F 1 -11.93 -13.50 21.00
CA PCA F 1 -12.91 -14.55 20.73
CB PCA F 1 -14.03 -14.04 19.82
CG PCA F 1 -13.63 -12.64 19.40
CD PCA F 1 -12.39 -12.37 20.19
OE PCA F 1 -11.82 -11.28 20.14
C PCA F 1 -12.26 -15.76 20.09
O PCA F 1 -12.91 -16.56 19.41
N LEU F 2 -10.95 -15.89 20.31
CA LEU F 2 -10.18 -17.04 19.84
C LEU F 2 -10.07 -18.14 20.92
N LEU F 3 -10.05 -19.39 20.48
CA LEU F 3 -10.00 -20.53 21.39
C LEU F 3 -8.67 -21.25 21.28
N PHE F 4 -8.29 -21.92 22.36
CA PHE F 4 -7.00 -22.56 22.49
C PHE F 4 -7.18 -24.00 22.98
N ASN F 5 -6.17 -24.83 22.73
CA ASN F 5 -6.05 -26.13 23.38
C ASN F 5 -5.10 -25.91 24.56
N LYS F 6 -5.67 -25.82 25.76
CA LYS F 6 -4.95 -25.34 26.92
C LYS F 6 -3.83 -26.29 27.32
N THR F 7 -2.85 -25.74 28.03
CA THR F 7 -1.73 -26.50 28.57
C THR F 7 -1.25 -25.76 29.81
N LYS F 8 -1.54 -26.31 30.99
CA LYS F 8 -1.33 -25.56 32.22
C LYS F 8 0.15 -25.29 32.48
N SER F 9 0.99 -26.29 32.28
CA SER F 9 2.42 -26.12 32.56
C SER F 9 3.22 -27.00 31.61
N VAL F 10 4.48 -26.61 31.41
CA VAL F 10 5.43 -27.39 30.63
C VAL F 10 6.77 -27.40 31.36
N GLU F 11 7.46 -28.53 31.28
CA GLU F 11 8.69 -28.76 32.03
C GLU F 11 9.89 -28.87 31.09
N PHE F 12 11.03 -28.41 31.58
CA PHE F 12 12.28 -28.44 30.84
C PHE F 12 13.35 -29.01 31.76
N THR F 13 14.46 -29.40 31.17
CA THR F 13 15.59 -29.94 31.90
C THR F 13 16.84 -29.29 31.33
N PHE F 14 18.01 -29.77 31.76
CA PHE F 14 19.25 -29.35 31.12
C PHE F 14 19.57 -30.27 29.95
N GLY F 15 18.95 -31.45 29.90
CA GLY F 15 19.08 -32.25 28.71
C GLY F 15 18.41 -31.59 27.53
N ASN F 16 17.36 -30.83 27.78
CA ASN F 16 16.68 -30.04 26.77
C ASN F 16 17.58 -28.95 26.18
N ASP F 17 18.15 -29.22 25.01
CA ASP F 17 18.98 -28.23 24.32
C ASP F 17 18.16 -27.03 23.87
N THR F 18 16.85 -27.20 23.65
CA THR F 18 15.95 -26.09 23.45
C THR F 18 14.61 -26.41 24.12
N VAL F 19 13.81 -25.37 24.34
CA VAL F 19 12.57 -25.47 25.10
C VAL F 19 11.46 -24.90 24.22
N VAL F 20 10.24 -25.42 24.39
CA VAL F 20 9.07 -24.99 23.64
C VAL F 20 7.96 -24.64 24.62
N ILE F 21 7.32 -23.50 24.41
CA ILE F 21 6.17 -23.09 25.21
C ILE F 21 4.94 -23.17 24.31
N PRO F 22 4.17 -24.26 24.37
CA PRO F 22 3.08 -24.44 23.39
C PRO F 22 1.99 -23.40 23.50
N CYS F 23 1.42 -23.06 22.35
CA CYS F 23 0.24 -22.20 22.26
C CYS F 23 -0.45 -22.51 20.94
N PHE F 24 -1.64 -23.11 21.02
CA PHE F 24 -2.37 -23.52 19.83
C PHE F 24 -3.73 -22.84 19.79
N VAL F 25 -4.11 -22.37 18.59
CA VAL F 25 -5.40 -21.71 18.39
C VAL F 25 -6.26 -22.63 17.54
N THR F 26 -7.47 -22.91 18.02
CA THR F 26 -8.33 -23.90 17.38
C THR F 26 -9.25 -23.30 16.31
N ASN F 27 -9.42 -21.97 16.30
CA ASN F 27 -10.44 -21.36 15.44
C ASN F 27 -9.91 -20.15 14.68
N MET F 28 -8.60 -20.04 14.47
CA MET F 28 -8.06 -18.92 13.72
C MET F 28 -8.34 -19.11 12.24
N GLU F 29 -8.96 -18.10 11.62
CA GLU F 29 -9.43 -18.20 10.24
C GLU F 29 -8.53 -17.46 9.26
N ALA F 30 -7.38 -16.98 9.70
CA ALA F 30 -6.49 -16.26 8.80
C ALA F 30 -5.87 -17.22 7.79
N GLN F 31 -5.85 -16.81 6.52
CA GLN F 31 -5.23 -17.58 5.46
C GLN F 31 -3.84 -17.08 5.10
N ASN F 32 -3.39 -15.98 5.69
CA ASN F 32 -2.08 -15.41 5.39
C ASN F 32 -1.53 -14.79 6.67
N THR F 33 -0.20 -14.66 6.72
CA THR F 33 0.47 -14.14 7.92
C THR F 33 0.29 -12.65 8.12
N THR F 34 -0.13 -11.91 7.08
CA THR F 34 -0.38 -10.48 7.23
C THR F 34 -1.43 -10.22 8.31
N GLU F 35 -2.34 -11.16 8.51
CA GLU F 35 -3.48 -10.95 9.39
C GLU F 35 -3.20 -11.27 10.84
N VAL F 36 -2.10 -11.95 11.16
CA VAL F 36 -1.83 -12.48 12.49
C VAL F 36 -0.89 -11.52 13.23
N TYR F 37 -1.13 -11.38 14.54
CA TYR F 37 -0.25 -10.60 15.41
C TYR F 37 -0.11 -11.35 16.71
N VAL F 38 1.12 -11.75 17.04
CA VAL F 38 1.39 -12.52 18.24
C VAL F 38 2.13 -11.65 19.25
N LYS F 39 1.87 -11.88 20.53
CA LYS F 39 2.55 -11.14 21.59
C LYS F 39 2.68 -12.04 22.80
N TRP F 40 3.92 -12.39 23.14
CA TRP F 40 4.22 -13.22 24.31
C TRP F 40 4.73 -12.35 25.43
N LYS F 41 4.30 -12.64 26.66
CA LYS F 41 4.78 -11.89 27.82
C LYS F 41 4.95 -12.82 29.01
N PHE F 42 5.76 -12.36 29.97
CA PHE F 42 6.15 -13.18 31.11
C PHE F 42 6.35 -12.21 32.28
N LYS F 43 5.38 -12.17 33.19
CA LYS F 43 5.46 -11.33 34.39
C LYS F 43 5.58 -9.85 34.03
N GLY F 44 4.98 -9.45 32.92
CA GLY F 44 5.00 -8.06 32.51
C GLY F 44 4.93 -7.81 31.02
N ARG F 45 6.03 -7.39 30.40
CA ARG F 45 5.98 -6.86 29.05
C ARG F 45 6.31 -7.94 28.02
N ASP F 46 6.37 -7.51 26.76
CA ASP F 46 6.35 -8.40 25.59
C ASP F 46 7.73 -8.95 25.32
N ILE F 47 7.95 -10.20 25.69
CA ILE F 47 9.21 -10.87 25.36
C ILE F 47 9.35 -11.01 23.85
N TYR F 48 8.23 -11.18 23.15
CA TYR F 48 8.28 -11.49 21.74
C TYR F 48 6.99 -11.03 21.06
N THR F 49 7.14 -10.21 20.04
CA THR F 49 6.04 -9.76 19.19
C THR F 49 6.42 -9.97 17.74
N PHE F 50 5.46 -10.43 16.93
CA PHE F 50 5.66 -10.65 15.51
C PHE F 50 4.53 -9.94 14.79
N ASP F 51 4.87 -8.84 14.11
CA ASP F 51 3.88 -8.04 13.40
C ASP F 51 3.73 -8.63 12.00
N GLY F 52 2.64 -9.37 11.79
CA GLY F 52 2.43 -10.05 10.53
C GLY F 52 2.29 -9.11 9.34
N ALA F 53 1.88 -7.87 9.58
CA ALA F 53 1.78 -6.90 8.49
C ALA F 53 3.14 -6.46 7.99
N LEU F 54 4.17 -6.54 8.84
CA LEU F 54 5.52 -6.16 8.45
C LEU F 54 6.52 -7.30 8.52
N ASN F 55 6.14 -8.45 9.09
CA ASN F 55 7.04 -9.58 9.30
C ASN F 55 8.36 -9.13 9.95
N LYS F 56 8.21 -8.55 11.13
CA LYS F 56 9.33 -8.04 11.92
C LYS F 56 9.33 -8.70 13.29
N SER F 57 10.32 -9.56 13.54
CA SER F 57 10.50 -10.18 14.84
C SER F 57 11.31 -9.25 15.74
N THR F 58 10.81 -8.99 16.93
CA THR F 58 11.46 -8.14 17.90
C THR F 58 11.74 -8.93 19.17
N VAL F 59 12.98 -8.87 19.65
CA VAL F 59 13.37 -9.63 20.84
C VAL F 59 14.26 -8.78 21.74
N PRO F 60 13.96 -8.67 23.03
CA PRO F 60 14.89 -8.03 23.97
C PRO F 60 16.28 -8.63 23.93
N THR F 61 17.26 -7.91 24.49
CA THR F 61 18.62 -8.45 24.56
C THR F 61 18.69 -9.73 25.38
N ASP F 62 17.88 -9.82 26.43
CA ASP F 62 17.90 -10.98 27.31
C ASP F 62 17.04 -12.14 26.82
N PHE F 63 16.37 -11.97 25.68
CA PHE F 63 15.67 -13.05 24.99
C PHE F 63 16.02 -13.05 23.50
N SER F 64 17.32 -12.99 23.18
CA SER F 64 17.73 -13.03 21.78
C SER F 64 17.52 -14.39 21.14
N SER F 65 17.31 -15.44 21.95
CA SER F 65 17.11 -16.78 21.43
C SER F 65 15.65 -17.12 21.16
N ALA F 66 14.72 -16.32 21.64
CA ALA F 66 13.30 -16.66 21.53
C ALA F 66 12.81 -16.47 20.10
N LYS F 67 12.00 -17.41 19.63
CA LYS F 67 11.51 -17.39 18.26
C LYS F 67 10.27 -18.27 18.18
N ILE F 68 9.47 -18.01 17.15
CA ILE F 68 8.33 -18.85 16.78
C ILE F 68 8.53 -19.26 15.33
N GLU F 69 7.78 -20.28 14.92
CA GLU F 69 7.86 -20.78 13.54
C GLU F 69 6.63 -20.28 12.79
N VAL F 70 6.87 -19.41 11.79
CA VAL F 70 5.78 -18.78 11.05
C VAL F 70 5.20 -19.74 10.02
N SER F 71 5.96 -20.76 9.61
CA SER F 71 5.48 -21.73 8.64
C SER F 71 4.29 -22.53 9.16
N GLN F 72 4.01 -22.50 10.47
CA GLN F 72 2.81 -23.08 11.03
C GLN F 72 2.01 -22.08 11.84
N LEU F 73 2.18 -20.78 11.57
CA LEU F 73 1.37 -19.78 12.26
C LEU F 73 -0.09 -19.83 11.78
N LEU F 74 -0.30 -20.11 10.49
CA LEU F 74 -1.67 -20.23 9.99
C LEU F 74 -2.34 -21.52 10.46
N LYS F 75 -1.55 -22.57 10.69
CA LYS F 75 -2.12 -23.82 11.20
C LYS F 75 -2.56 -23.71 12.65
N GLY F 76 -2.34 -22.58 13.29
CA GLY F 76 -2.80 -22.35 14.65
C GLY F 76 -1.73 -22.45 15.71
N ASP F 77 -0.48 -22.70 15.32
CA ASP F 77 0.62 -22.88 16.27
C ASP F 77 1.49 -21.63 16.29
N ALA F 78 1.61 -21.01 17.46
CA ALA F 78 2.50 -19.88 17.68
C ALA F 78 3.27 -20.09 19.00
N SER F 79 4.06 -21.17 19.03
CA SER F 79 4.75 -21.61 20.23
C SER F 79 6.19 -21.10 20.24
N LEU F 80 6.61 -20.50 21.35
CA LEU F 80 7.94 -19.91 21.44
C LEU F 80 8.98 -20.99 21.65
N LYS F 81 10.12 -20.83 20.96
CA LYS F 81 11.24 -21.77 21.09
C LYS F 81 12.54 -21.03 21.37
N MET F 82 13.10 -21.27 22.55
CA MET F 82 14.32 -20.61 23.01
C MET F 82 15.30 -21.72 23.39
N ASP F 83 16.26 -21.39 24.26
CA ASP F 83 17.18 -22.37 24.81
C ASP F 83 17.28 -22.17 26.33
N LYS F 84 17.87 -23.17 27.00
CA LYS F 84 18.03 -23.14 28.44
C LYS F 84 18.75 -21.89 28.92
N SER F 85 19.58 -21.29 28.08
CA SER F 85 20.27 -20.04 28.43
C SER F 85 19.29 -19.00 28.99
N ASP F 86 18.31 -18.61 28.18
CA ASP F 86 17.30 -17.67 28.67
C ASP F 86 16.07 -18.38 29.23
N ALA F 87 16.12 -19.70 29.40
CA ALA F 87 15.06 -20.42 30.09
C ALA F 87 15.35 -20.57 31.57
N VAL F 88 16.54 -21.05 31.92
CA VAL F 88 16.93 -21.16 33.33
C VAL F 88 16.90 -19.79 34.00
N SER F 89 17.52 -18.81 33.35
CA SER F 89 17.38 -17.40 33.73
C SER F 89 15.95 -17.02 34.06
N HIS F 90 15.00 -17.34 33.18
CA HIS F 90 13.63 -16.83 33.28
C HIS F 90 12.68 -18.03 33.38
N THR F 91 12.20 -18.32 34.58
CA THR F 91 11.15 -19.32 34.75
C THR F 91 9.97 -18.72 35.52
N GLY F 92 8.77 -18.90 34.97
CA GLY F 92 7.59 -18.30 35.59
C GLY F 92 6.36 -18.42 34.72
N ASN F 93 5.50 -17.41 34.80
CA ASN F 93 4.23 -17.38 34.08
C ASN F 93 4.42 -16.67 32.75
N TYR F 94 4.35 -17.43 31.66
CA TYR F 94 4.38 -16.89 30.31
C TYR F 94 2.98 -16.84 29.71
N THR F 95 2.69 -15.81 28.92
CA THR F 95 1.36 -15.59 28.36
C THR F 95 1.41 -15.46 26.84
N CYS F 96 0.47 -16.13 26.18
CA CYS F 96 0.40 -16.17 24.72
C CYS F 96 -0.80 -15.31 24.31
N GLU F 97 -0.53 -14.14 23.74
CA GLU F 97 -1.57 -13.23 23.26
C GLU F 97 -1.51 -13.22 21.75
N VAL F 98 -2.53 -13.77 21.11
CA VAL F 98 -2.61 -13.84 19.65
C VAL F 98 -3.74 -12.94 19.18
N THR F 99 -3.51 -12.26 18.07
CA THR F 99 -4.51 -11.38 17.46
C THR F 99 -4.58 -11.65 15.96
N GLU F 100 -5.78 -11.92 15.47
CA GLU F 100 -6.03 -12.04 14.04
C GLU F 100 -7.08 -11.00 13.66
N LEU F 101 -6.62 -9.93 12.99
CA LEU F 101 -7.46 -8.82 12.54
C LEU F 101 -8.18 -8.25 13.76
N THR F 102 -9.51 -8.29 13.83
CA THR F 102 -10.24 -7.65 14.92
C THR F 102 -10.38 -8.53 16.15
N ARG F 103 -10.30 -9.84 15.99
CA ARG F 103 -10.49 -10.75 17.12
C ARG F 103 -9.17 -11.01 17.83
N GLU F 104 -9.27 -11.53 19.05
CA GLU F 104 -8.13 -11.66 19.95
C GLU F 104 -8.48 -12.53 21.16
N GLY F 105 -7.69 -13.56 21.41
CA GLY F 105 -7.76 -14.31 22.65
C GLY F 105 -6.38 -14.43 23.28
N GLU F 106 -6.36 -15.03 24.46
CA GLU F 106 -5.08 -15.19 25.13
C GLU F 106 -5.16 -16.34 26.13
N THR F 107 -3.98 -16.86 26.46
CA THR F 107 -3.80 -17.96 27.38
C THR F 107 -2.45 -17.79 28.05
N ILE F 108 -2.27 -18.45 29.20
CA ILE F 108 -1.02 -18.39 29.95
C ILE F 108 -0.68 -19.79 30.44
N ILE F 109 0.62 -20.11 30.48
CA ILE F 109 1.09 -21.45 30.86
C ILE F 109 2.32 -21.27 31.74
N GLU F 110 2.60 -22.29 32.55
CA GLU F 110 3.66 -22.21 33.54
C GLU F 110 4.94 -22.82 32.99
N LEU F 111 6.07 -22.15 33.26
CA LEU F 111 7.33 -22.58 32.70
C LEU F 111 8.09 -23.44 33.71
N ARG F 114 13.10 -29.49 35.93
CA ARG F 114 12.94 -30.07 37.26
C ARG F 114 14.30 -30.37 37.87
N VAL F 115 14.56 -29.76 39.03
CA VAL F 115 15.89 -29.79 39.62
C VAL F 115 16.29 -31.23 39.93
N VAL F 116 17.40 -31.67 39.35
CA VAL F 116 18.01 -32.99 39.56
C VAL F 116 17.00 -34.09 39.92
C1 GOL G . -52.16 30.35 -21.45
O1 GOL G . -52.00 31.02 -22.68
C2 GOL G . -53.63 30.03 -21.22
O2 GOL G . -54.38 30.47 -22.34
C3 GOL G . -54.14 30.74 -19.97
O3 GOL G . -53.65 30.08 -18.82
C1 GOL H . -39.64 -11.59 6.05
O1 GOL H . -40.90 -11.39 5.44
C2 GOL H . -39.45 -10.54 7.14
O2 GOL H . -38.71 -11.10 8.21
C3 GOL H . -40.80 -10.05 7.65
O3 GOL H . -40.73 -9.83 9.04
C1 GOL I . 16.84 -6.65 -33.29
O1 GOL I . 15.45 -6.83 -33.11
C2 GOL I . 17.23 -5.23 -32.90
O2 GOL I . 16.11 -4.40 -32.97
C3 GOL I . 18.32 -4.72 -33.84
O3 GOL I . 19.58 -5.07 -33.34
C1 GOL J . 19.21 -7.75 1.58
O1 GOL J . 20.51 -7.99 1.06
C2 GOL J . 19.27 -7.78 3.10
O2 GOL J . 18.79 -6.56 3.62
C3 GOL J . 18.41 -8.93 3.63
O3 GOL J . 17.05 -8.63 3.40
C1 GOL K . 8.86 -11.66 3.20
O1 GOL K . 8.64 -10.42 2.56
C2 GOL K . 10.35 -11.80 3.48
O2 GOL K . 10.81 -13.04 2.99
C3 GOL K . 10.58 -11.76 4.99
O3 GOL K . 11.91 -11.39 5.26
C1 NAG L . -5.96 15.01 -36.86
C2 NAG L . -6.36 15.03 -38.33
C3 NAG L . -7.58 14.13 -38.56
C4 NAG L . -7.34 12.73 -38.01
C5 NAG L . -6.91 12.82 -36.55
C6 NAG L . -6.55 11.48 -35.95
C7 NAG L . -5.72 17.18 -39.32
C8 NAG L . -6.18 18.55 -39.71
N2 NAG L . -6.64 16.39 -38.77
O3 NAG L . -7.85 14.06 -39.96
O4 NAG L . -8.53 11.96 -38.10
O5 NAG L . -5.75 13.66 -36.44
O6 NAG L . -6.60 11.52 -34.53
O7 NAG L . -4.57 16.81 -39.50
C1 NAG M . -5.15 -29.89 20.84
C2 NAG M . -5.03 -29.96 19.32
C3 NAG M . -3.96 -30.99 18.93
C4 NAG M . -2.66 -30.69 19.64
C5 NAG M . -2.88 -30.57 21.14
C6 NAG M . -1.63 -30.17 21.90
C7 NAG M . -6.60 -30.04 17.44
C8 NAG M . -7.98 -30.45 16.99
N2 NAG M . -6.31 -30.30 18.71
O3 NAG M . -3.77 -30.96 17.52
O4 NAG M . -1.73 -31.75 19.39
O5 NAG M . -3.88 -29.56 21.41
O6 NAG M . -0.48 -30.79 21.35
O7 NAG M . -5.80 -29.52 16.68
C1 NAG N . 12.06 -30.92 26.43
C2 NAG N . 12.15 -32.01 25.36
C3 NAG N . 10.80 -32.71 25.19
C4 NAG N . 10.31 -33.22 26.54
C5 NAG N . 10.29 -32.09 27.57
C6 NAG N . 9.93 -32.56 28.96
C7 NAG N . 13.51 -32.04 23.31
C8 NAG N . 13.85 -31.33 22.04
N2 NAG N . 12.60 -31.45 24.09
O3 NAG N . 10.94 -33.78 24.28
O4 NAG N . 8.98 -33.73 26.40
O5 NAG N . 11.60 -31.49 27.66
O6 NAG N . 10.51 -33.83 29.24
O7 NAG N . 14.04 -33.11 23.62
#